data_6BVD
#
_entry.id   6BVD
#
_cell.length_a   76.249
_cell.length_b   160.745
_cell.length_c   219.099
_cell.angle_alpha   90.00
_cell.angle_beta   90.00
_cell.angle_gamma   90.00
#
_symmetry.space_group_name_H-M   'C 2 2 21'
#
loop_
_entity.id
_entity.type
_entity.pdbx_description
1 polymer 'Light Chain'
2 non-polymer 'CALCIUM ION'
3 non-polymer 'ACETATE ION'
4 non-polymer 'ZINC ION'
5 water water
#
_entity_poly.entity_id   1
_entity_poly.type   'polypeptide(L)'
_entity_poly.pdbx_seq_one_letter_code
;GSMPVVINSFNYDDPVNDNTIIYIRPPYYETSNTYFKAFQIMDNVWIIPERYRLGIDPSLFNPPVSLKAGSDGYFDPNYL
STNTEKNKYLQIMIKLFKRINSKPAGQILLEEIKNAIPYLGNSYTQEEQFTTNNRTVSFNVKLANGNIVQQMANLIIWGP
GPDLTTNKTGGIIYSPYQSMEATPYKDGFGSIMTVEFSPEYATAFNDISIASHSPSLFIKDPALILMHELIHVLHGLYGT
YITEYKITPNVVQSYMKVTKPITSAEFLTFGGRDRNIVPQSIQSQLYNKVLSDYKRIASRLNKVNTATALINIDEFKNLY
EWKYQFAKDSNGVYSVDLNKFEQLYKKIYSFTEFNLAYEFKIKTRLGYLAENFGPFYLPNLLDDSIYTEVDGFNIGALSI
NYQGQNIGSDINSIKKLQGQGVVSRVVRLCSNSNTK
;
_entity_poly.pdbx_strand_id   A,B
#
loop_
_chem_comp.id
_chem_comp.type
_chem_comp.name
_chem_comp.formula
ACT non-polymer 'ACETATE ION' 'C2 H3 O2 -1'
CA non-polymer 'CALCIUM ION' 'Ca 2'
ZN non-polymer 'ZINC ION' 'Zn 2'
#
# COMPACT_ATOMS: atom_id res chain seq x y z
N MET A 3 -0.43 -7.65 -16.34
CA MET A 3 0.96 -7.69 -16.78
C MET A 3 1.92 -7.41 -15.61
N PRO A 4 1.59 -6.42 -14.74
CA PRO A 4 2.39 -6.39 -13.50
C PRO A 4 2.08 -7.64 -12.68
N VAL A 5 3.05 -8.12 -11.93
CA VAL A 5 2.86 -9.36 -11.19
C VAL A 5 1.98 -9.14 -9.96
N VAL A 6 1.48 -10.26 -9.43
CA VAL A 6 0.72 -10.30 -8.21
C VAL A 6 1.61 -10.61 -7.00
N ILE A 7 1.55 -9.77 -5.97
CA ILE A 7 2.28 -10.02 -4.74
C ILE A 7 1.34 -10.72 -3.74
N ASN A 8 1.70 -11.93 -3.28
CA ASN A 8 0.86 -12.64 -2.32
C ASN A 8 1.12 -12.27 -0.86
N SER A 9 0.11 -12.37 0.01
CA SER A 9 0.28 -12.22 1.46
C SER A 9 0.01 -13.55 2.21
N PHE A 10 0.64 -13.71 3.37
CA PHE A 10 0.58 -14.92 4.19
C PHE A 10 1.11 -14.56 5.57
N ASN A 11 0.70 -15.31 6.58
CA ASN A 11 1.30 -15.26 7.91
C ASN A 11 2.15 -16.52 8.08
N TYR A 12 3.20 -16.47 8.92
CA TYR A 12 4.07 -17.64 9.05
C TYR A 12 3.27 -18.88 9.49
N ASP A 13 2.25 -18.67 10.30
CA ASP A 13 1.48 -19.80 10.82
C ASP A 13 0.33 -20.27 9.92
N ASP A 14 0.10 -19.64 8.77
CA ASP A 14 -0.93 -20.12 7.86
C ASP A 14 -0.65 -21.58 7.45
N PRO A 15 -1.69 -22.38 7.33
CA PRO A 15 -1.44 -23.78 6.97
C PRO A 15 -0.94 -23.94 5.54
N VAL A 16 -0.24 -25.05 5.26
CA VAL A 16 0.15 -25.39 3.88
C VAL A 16 -1.08 -25.44 2.97
N ASN A 17 -0.95 -24.98 1.73
CA ASN A 17 -2.14 -24.87 0.88
C ASN A 17 -1.88 -25.29 -0.57
N ASP A 18 -0.73 -25.94 -0.80
CA ASP A 18 -0.33 -26.45 -2.12
C ASP A 18 -0.31 -25.38 -3.21
N ASN A 19 -0.18 -24.11 -2.85
CA ASN A 19 -0.20 -23.04 -3.83
C ASN A 19 0.82 -21.96 -3.42
N THR A 20 0.51 -21.19 -2.38
CA THR A 20 1.47 -20.17 -1.92
C THR A 20 2.28 -20.59 -0.72
N ILE A 21 1.89 -21.70 -0.07
CA ILE A 21 2.62 -22.19 1.08
C ILE A 21 2.76 -23.69 1.05
N ILE A 22 4.00 -24.14 0.86
CA ILE A 22 4.34 -25.58 0.80
C ILE A 22 5.66 -25.81 1.51
N TYR A 23 6.01 -27.07 1.79
CA TYR A 23 7.35 -27.38 2.28
C TYR A 23 8.30 -27.64 1.12
N ILE A 24 9.49 -27.04 1.15
CA ILE A 24 10.35 -27.33 0.02
C ILE A 24 11.71 -27.87 0.48
N ARG A 25 12.28 -28.73 -0.35
CA ARG A 25 13.62 -29.29 -0.10
C ARG A 25 14.59 -28.49 -0.92
N PRO A 26 15.29 -27.51 -0.30
CA PRO A 26 16.01 -26.58 -1.19
C PRO A 26 17.32 -27.20 -1.74
N PRO A 27 17.90 -26.56 -2.79
CA PRO A 27 19.13 -27.11 -3.39
C PRO A 27 20.20 -27.32 -2.32
N TYR A 28 20.92 -28.44 -2.44
CA TYR A 28 21.98 -28.93 -1.55
C TYR A 28 21.41 -29.67 -0.30
N TYR A 29 20.09 -29.74 -0.14
CA TYR A 29 19.51 -30.47 1.01
C TYR A 29 18.97 -31.86 0.58
N GLU A 30 19.38 -32.31 -0.59
CA GLU A 30 18.84 -33.54 -1.18
C GLU A 30 19.20 -34.78 -0.34
N THR A 31 20.46 -34.92 0.04
CA THR A 31 20.89 -36.13 0.74
C THR A 31 20.34 -36.18 2.15
N SER A 32 20.39 -35.05 2.84
CA SER A 32 19.83 -35.01 4.17
C SER A 32 18.29 -35.05 4.12
N ASN A 33 17.70 -34.77 2.96
CA ASN A 33 16.24 -34.72 2.81
C ASN A 33 15.53 -33.77 3.78
N THR A 34 16.04 -32.56 3.91
CA THR A 34 15.54 -31.58 4.86
C THR A 34 14.53 -30.65 4.17
N TYR A 35 13.35 -30.50 4.75
CA TYR A 35 12.31 -29.63 4.16
C TYR A 35 12.09 -28.40 5.03
N PHE A 36 11.72 -27.29 4.39
CA PHE A 36 11.49 -26.02 5.05
C PHE A 36 10.17 -25.44 4.59
N LYS A 37 9.41 -24.86 5.53
CA LYS A 37 8.18 -24.15 5.19
C LYS A 37 8.52 -22.90 4.34
N ALA A 38 7.91 -22.81 3.16
CA ALA A 38 8.24 -21.73 2.20
C ALA A 38 6.99 -21.01 1.68
N PHE A 39 7.19 -19.75 1.27
CA PHE A 39 6.10 -18.80 0.98
C PHE A 39 6.33 -18.16 -0.39
N GLN A 40 5.39 -18.34 -1.32
CA GLN A 40 5.59 -17.91 -2.69
C GLN A 40 5.11 -16.48 -2.79
N ILE A 41 6.05 -15.55 -2.63
CA ILE A 41 5.71 -14.12 -2.62
C ILE A 41 5.23 -13.62 -3.97
N MET A 42 5.72 -14.22 -5.05
CA MET A 42 5.21 -13.95 -6.41
C MET A 42 5.52 -15.15 -7.22
N ASP A 43 4.92 -15.29 -8.40
CA ASP A 43 5.20 -16.47 -9.24
CA ASP A 43 5.20 -16.47 -9.23
C ASP A 43 6.71 -16.72 -9.42
N ASN A 44 7.15 -17.95 -9.07
CA ASN A 44 8.53 -18.41 -9.17
C ASN A 44 9.49 -17.85 -8.12
N VAL A 45 9.00 -17.19 -7.09
CA VAL A 45 9.89 -16.68 -6.05
C VAL A 45 9.40 -17.16 -4.70
N TRP A 46 10.27 -17.86 -4.00
CA TRP A 46 9.92 -18.42 -2.69
C TRP A 46 10.73 -17.77 -1.62
N ILE A 47 10.11 -17.53 -0.47
CA ILE A 47 10.84 -17.08 0.70
C ILE A 47 10.88 -18.15 1.79
N ILE A 48 12.09 -18.42 2.29
CA ILE A 48 12.21 -19.19 3.52
C ILE A 48 12.72 -18.28 4.63
N PRO A 49 11.81 -17.84 5.52
CA PRO A 49 12.21 -16.77 6.46
C PRO A 49 12.99 -17.29 7.66
N GLU A 50 14.12 -17.91 7.38
CA GLU A 50 15.01 -18.47 8.37
C GLU A 50 16.43 -18.04 8.08
N ARG A 51 17.30 -18.15 9.08
CA ARG A 51 18.74 -17.90 8.88
C ARG A 51 19.34 -18.86 7.88
N TYR A 52 20.18 -18.33 7.00
CA TYR A 52 20.91 -19.15 6.06
C TYR A 52 22.07 -19.84 6.78
N ARG A 53 22.12 -21.18 6.72
CA ARG A 53 23.13 -21.96 7.44
C ARG A 53 23.92 -22.94 6.59
N LEU A 54 23.52 -23.15 5.34
CA LEU A 54 24.17 -24.21 4.57
C LEU A 54 25.68 -24.00 4.31
N GLY A 55 26.48 -24.99 4.69
CA GLY A 55 27.92 -24.94 4.43
C GLY A 55 28.68 -23.99 5.33
N ILE A 56 28.02 -23.51 6.37
CA ILE A 56 28.61 -22.47 7.21
C ILE A 56 28.93 -23.00 8.61
N ASP A 57 30.19 -22.86 9.00
CA ASP A 57 30.63 -23.19 10.36
C ASP A 57 29.75 -22.46 11.37
N PRO A 58 29.03 -23.23 12.22
CA PRO A 58 28.05 -22.68 13.16
C PRO A 58 28.63 -21.73 14.21
N SER A 59 29.93 -21.82 14.43
CA SER A 59 30.58 -20.96 15.41
C SER A 59 30.61 -19.53 14.88
N LEU A 60 30.46 -19.36 13.58
CA LEU A 60 30.54 -18.03 13.00
C LEU A 60 29.32 -17.15 13.29
N PHE A 61 28.22 -17.77 13.74
CA PHE A 61 26.99 -17.01 14.04
C PHE A 61 27.15 -16.22 15.32
N ASN A 62 28.14 -16.61 16.14
CA ASN A 62 28.37 -15.96 17.41
C ASN A 62 29.84 -15.63 17.65
N PRO A 63 30.42 -14.73 16.83
CA PRO A 63 31.87 -14.45 16.93
C PRO A 63 32.28 -13.82 18.25
N PRO A 64 33.51 -14.13 18.72
CA PRO A 64 34.07 -13.63 19.98
C PRO A 64 34.36 -12.13 19.91
N VAL A 65 34.61 -11.51 21.06
CA VAL A 65 34.83 -10.06 21.16
C VAL A 65 35.97 -9.63 20.24
N SER A 66 36.99 -10.48 20.13
CA SER A 66 38.18 -10.19 19.34
C SER A 66 37.91 -9.98 17.85
N LEU A 67 37.33 -10.99 17.21
CA LEU A 67 36.95 -10.88 15.79
C LEU A 67 35.87 -9.82 15.56
N LYS A 68 34.90 -9.79 16.46
CA LYS A 68 33.73 -8.93 16.31
C LYS A 68 34.00 -7.43 16.30
N ALA A 69 34.91 -6.98 17.17
CA ALA A 69 35.15 -5.55 17.35
C ALA A 69 35.67 -4.88 16.08
N GLY A 70 36.58 -5.56 15.39
CA GLY A 70 37.15 -5.03 14.16
C GLY A 70 36.14 -4.86 13.04
N SER A 71 35.25 -5.83 12.91
CA SER A 71 34.32 -5.90 11.79
C SER A 71 33.30 -4.75 11.70
N ASP A 72 33.04 -4.32 10.47
CA ASP A 72 31.99 -3.37 10.14
C ASP A 72 30.57 -3.96 10.26
N GLY A 73 30.46 -5.26 10.54
CA GLY A 73 29.15 -5.90 10.58
C GLY A 73 28.45 -5.97 11.94
N TYR A 74 27.39 -6.76 12.02
CA TYR A 74 26.67 -6.93 13.27
C TYR A 74 26.19 -8.39 13.39
N PHE A 75 26.30 -8.94 14.60
CA PHE A 75 26.06 -10.35 14.83
C PHE A 75 25.07 -10.57 15.95
N ASP A 76 24.15 -11.51 15.75
CA ASP A 76 23.21 -11.93 16.78
C ASP A 76 22.62 -13.29 16.41
N PRO A 77 23.03 -14.33 17.15
CA PRO A 77 22.65 -15.72 16.81
C PRO A 77 21.15 -15.93 16.98
N ASN A 78 20.48 -15.04 17.70
CA ASN A 78 19.07 -15.25 18.02
C ASN A 78 18.09 -14.60 17.03
N TYR A 79 18.59 -13.81 16.10
CA TYR A 79 17.72 -13.23 15.08
C TYR A 79 17.04 -14.35 14.29
N LEU A 80 15.72 -14.25 14.13
CA LEU A 80 14.85 -15.22 13.45
C LEU A 80 14.79 -16.59 14.11
N SER A 81 14.99 -16.66 15.43
CA SER A 81 14.89 -17.92 16.16
C SER A 81 13.44 -18.24 16.56
N THR A 82 12.57 -17.24 16.59
CA THR A 82 11.17 -17.45 16.95
C THR A 82 10.19 -17.28 15.77
N ASN A 83 9.05 -17.96 15.85
CA ASN A 83 8.01 -17.85 14.84
C ASN A 83 7.47 -16.45 14.69
N THR A 84 7.38 -15.73 15.80
CA THR A 84 6.90 -14.35 15.74
C THR A 84 7.84 -13.50 14.88
N GLU A 85 9.15 -13.64 15.08
CA GLU A 85 10.08 -12.87 14.28
C GLU A 85 10.16 -13.36 12.81
N LYS A 86 9.96 -14.64 12.55
CA LYS A 86 9.90 -15.11 11.17
C LYS A 86 8.70 -14.46 10.45
N ASN A 87 7.59 -14.34 11.18
CA ASN A 87 6.40 -13.72 10.60
C ASN A 87 6.64 -12.24 10.32
N LYS A 88 7.34 -11.57 11.23
CA LYS A 88 7.64 -10.16 11.04
C LYS A 88 8.47 -9.98 9.77
N TYR A 89 9.49 -10.84 9.61
CA TYR A 89 10.36 -10.87 8.44
C TYR A 89 9.52 -11.06 7.15
N LEU A 90 8.60 -12.01 7.17
CA LEU A 90 7.69 -12.22 6.04
C LEU A 90 6.89 -10.93 5.72
N GLN A 91 6.34 -10.28 6.73
CA GLN A 91 5.52 -9.08 6.43
C GLN A 91 6.34 -7.94 5.86
N ILE A 92 7.59 -7.80 6.30
CA ILE A 92 8.43 -6.74 5.76
C ILE A 92 8.73 -7.07 4.31
N MET A 93 9.03 -8.33 4.03
CA MET A 93 9.33 -8.73 2.67
C MET A 93 8.12 -8.47 1.76
N ILE A 94 6.93 -8.74 2.26
CA ILE A 94 5.71 -8.44 1.52
C ILE A 94 5.65 -6.92 1.25
N LYS A 95 5.97 -6.14 2.26
CA LYS A 95 5.92 -4.67 2.09
C LYS A 95 6.94 -4.20 1.05
N LEU A 96 8.14 -4.80 1.07
CA LEU A 96 9.18 -4.40 0.13
C LEU A 96 8.87 -4.81 -1.31
N PHE A 97 8.27 -5.99 -1.51
CA PHE A 97 7.86 -6.37 -2.84
C PHE A 97 6.71 -5.48 -3.33
N LYS A 98 5.77 -5.11 -2.46
CA LYS A 98 4.71 -4.17 -2.84
C LYS A 98 5.28 -2.80 -3.18
N ARG A 99 6.34 -2.39 -2.48
CA ARG A 99 6.97 -1.09 -2.80
C ARG A 99 7.59 -1.17 -4.21
N ILE A 100 8.34 -2.24 -4.47
CA ILE A 100 8.96 -2.43 -5.77
C ILE A 100 7.90 -2.45 -6.87
N ASN A 101 6.77 -3.08 -6.58
CA ASN A 101 5.71 -3.21 -7.57
C ASN A 101 4.85 -1.93 -7.66
N SER A 102 5.22 -0.85 -6.96
CA SER A 102 4.35 0.37 -6.95
C SER A 102 4.70 1.35 -8.06
N LYS A 103 5.82 1.13 -8.74
CA LYS A 103 6.17 2.00 -9.86
C LYS A 103 6.55 1.17 -11.06
N PRO A 104 6.31 1.69 -12.26
CA PRO A 104 6.62 0.97 -13.51
C PRO A 104 8.03 0.43 -13.63
N ALA A 105 9.04 1.22 -13.27
CA ALA A 105 10.43 0.74 -13.38
C ALA A 105 10.66 -0.54 -12.57
N GLY A 106 10.04 -0.62 -11.40
CA GLY A 106 10.15 -1.79 -10.54
C GLY A 106 9.22 -2.93 -10.95
N GLN A 107 8.10 -2.57 -11.58
CA GLN A 107 7.18 -3.58 -12.09
C GLN A 107 7.84 -4.38 -13.20
N ILE A 108 8.58 -3.68 -14.05
CA ILE A 108 9.28 -4.29 -15.17
C ILE A 108 10.38 -5.24 -14.61
N LEU A 109 11.10 -4.79 -13.58
CA LEU A 109 12.09 -5.68 -12.92
C LEU A 109 11.45 -7.01 -12.39
N LEU A 110 10.34 -6.89 -11.69
CA LEU A 110 9.69 -8.09 -11.15
C LEU A 110 9.15 -9.04 -12.23
N GLU A 111 8.66 -8.47 -13.35
CA GLU A 111 8.22 -9.28 -14.51
C GLU A 111 9.39 -10.08 -15.12
N GLU A 112 10.58 -9.48 -15.17
CA GLU A 112 11.75 -10.21 -15.59
C GLU A 112 12.11 -11.33 -14.66
N ILE A 113 12.09 -11.06 -13.36
CA ILE A 113 12.40 -12.09 -12.37
C ILE A 113 11.42 -13.30 -12.48
N LYS A 114 10.18 -13.00 -12.86
CA LYS A 114 9.16 -14.04 -13.01
C LYS A 114 9.36 -14.84 -14.27
N ASN A 115 9.68 -14.14 -15.36
CA ASN A 115 9.67 -14.72 -16.70
C ASN A 115 11.00 -15.29 -17.23
N ALA A 116 12.13 -14.90 -16.65
CA ALA A 116 13.44 -15.38 -17.19
C ALA A 116 13.79 -16.75 -16.61
N ILE A 117 12.98 -17.74 -16.91
CA ILE A 117 13.25 -19.07 -16.35
C ILE A 117 14.59 -19.69 -16.87
N PRO A 118 15.28 -20.47 -16.05
CA PRO A 118 16.53 -21.10 -16.53
C PRO A 118 16.34 -22.05 -17.73
N TYR A 119 17.33 -22.17 -18.60
CA TYR A 119 17.30 -23.16 -19.68
C TYR A 119 17.31 -24.55 -19.04
N LEU A 120 16.53 -25.48 -19.61
CA LEU A 120 16.47 -26.87 -19.12
C LEU A 120 17.68 -27.68 -19.64
N GLY A 121 18.86 -27.33 -19.16
CA GLY A 121 20.05 -28.04 -19.58
C GLY A 121 21.27 -27.20 -19.27
N ASN A 122 22.44 -27.82 -19.33
CA ASN A 122 23.68 -27.08 -19.10
C ASN A 122 24.84 -27.75 -19.82
N SER A 123 26.08 -27.31 -19.53
CA SER A 123 27.21 -27.84 -20.27
C SER A 123 27.35 -29.35 -20.21
N TYR A 124 26.94 -29.95 -19.10
CA TYR A 124 27.11 -31.38 -18.85
C TYR A 124 25.82 -32.18 -18.93
N THR A 125 24.84 -31.72 -19.71
CA THR A 125 23.63 -32.52 -20.00
C THR A 125 23.51 -32.71 -21.51
N GLN A 126 22.75 -33.71 -21.96
CA GLN A 126 22.58 -33.99 -23.39
C GLN A 126 21.89 -32.84 -24.15
N GLU A 127 22.45 -32.49 -25.31
CA GLU A 127 21.94 -31.38 -26.12
C GLU A 127 20.52 -31.64 -26.67
N GLU A 128 20.21 -32.91 -26.95
CA GLU A 128 18.89 -33.30 -27.51
C GLU A 128 17.75 -33.29 -26.51
N GLN A 129 18.07 -33.03 -25.26
CA GLN A 129 17.13 -33.22 -24.17
C GLN A 129 16.88 -31.94 -23.40
N PHE A 130 15.61 -31.66 -23.11
CA PHE A 130 15.26 -30.71 -22.05
C PHE A 130 15.39 -31.45 -20.72
N THR A 131 16.38 -31.06 -19.92
CA THR A 131 16.68 -31.74 -18.66
C THR A 131 16.11 -31.00 -17.43
N THR A 132 15.19 -31.68 -16.74
CA THR A 132 14.50 -31.12 -15.61
C THR A 132 14.97 -31.71 -14.28
N ASN A 133 15.69 -32.82 -14.31
CA ASN A 133 15.83 -33.57 -13.07
C ASN A 133 17.15 -33.37 -12.37
N ASN A 134 17.50 -32.11 -12.11
CA ASN A 134 18.63 -31.84 -11.23
C ASN A 134 18.44 -30.49 -10.49
N ARG A 135 19.31 -30.23 -9.51
CA ARG A 135 19.06 -29.19 -8.52
C ARG A 135 19.22 -27.78 -9.06
N THR A 136 19.71 -27.62 -10.28
CA THR A 136 19.81 -26.27 -10.86
C THR A 136 18.50 -25.73 -11.46
N VAL A 137 17.51 -26.61 -11.69
CA VAL A 137 16.27 -26.22 -12.35
C VAL A 137 14.99 -26.67 -11.59
N SER A 138 15.07 -27.68 -10.72
CA SER A 138 13.88 -28.05 -9.97
C SER A 138 14.22 -28.55 -8.58
N PHE A 139 13.21 -28.65 -7.72
CA PHE A 139 13.39 -29.16 -6.35
C PHE A 139 12.17 -29.94 -5.88
N ASN A 140 12.37 -30.83 -4.92
CA ASN A 140 11.23 -31.49 -4.27
C ASN A 140 10.39 -30.57 -3.38
N VAL A 141 9.07 -30.72 -3.45
CA VAL A 141 8.19 -30.06 -2.50
C VAL A 141 7.22 -31.08 -1.90
N LYS A 142 6.87 -30.88 -0.64
CA LYS A 142 5.96 -31.79 0.06
C LYS A 142 4.59 -31.12 0.25
N LEU A 143 3.57 -31.72 -0.35
CA LEU A 143 2.23 -31.15 -0.31
C LEU A 143 1.47 -31.39 1.02
N ALA A 144 0.29 -30.80 1.13
CA ALA A 144 -0.53 -30.91 2.34
C ALA A 144 -0.83 -32.37 2.70
N ASN A 145 -1.11 -33.21 1.71
CA ASN A 145 -1.39 -34.62 2.00
C ASN A 145 -0.10 -35.44 2.15
N GLY A 146 1.04 -34.78 2.04
CA GLY A 146 2.30 -35.48 2.18
C GLY A 146 2.91 -36.02 0.89
N ASN A 147 2.26 -35.86 -0.25
CA ASN A 147 2.86 -36.34 -1.49
C ASN A 147 4.02 -35.43 -1.85
N ILE A 148 5.05 -36.04 -2.42
CA ILE A 148 6.27 -35.33 -2.82
C ILE A 148 6.29 -35.23 -4.34
N VAL A 149 6.39 -34.02 -4.86
CA VAL A 149 6.46 -33.78 -6.30
C VAL A 149 7.64 -32.85 -6.63
N GLN A 150 7.98 -32.73 -7.91
CA GLN A 150 9.07 -31.84 -8.34
C GLN A 150 8.46 -30.54 -8.85
N GLN A 151 9.15 -29.44 -8.61
CA GLN A 151 8.66 -28.13 -8.98
C GLN A 151 9.82 -27.27 -9.50
N MET A 152 9.56 -26.41 -10.47
CA MET A 152 10.55 -25.46 -10.96
C MET A 152 10.31 -24.08 -10.33
N ALA A 153 11.36 -23.26 -10.18
CA ALA A 153 11.21 -21.86 -9.72
C ALA A 153 12.50 -21.12 -10.12
N ASN A 154 12.53 -19.80 -9.92
CA ASN A 154 13.70 -19.01 -10.33
C ASN A 154 14.55 -18.55 -9.14
N LEU A 155 13.94 -18.39 -7.98
CA LEU A 155 14.61 -17.70 -6.89
C LEU A 155 14.10 -18.13 -5.51
N ILE A 156 15.01 -18.37 -4.59
CA ILE A 156 14.68 -18.64 -3.21
C ILE A 156 15.43 -17.66 -2.33
N ILE A 157 14.68 -16.92 -1.52
CA ILE A 157 15.23 -15.90 -0.62
C ILE A 157 15.21 -16.41 0.78
N TRP A 158 16.37 -16.37 1.45
CA TRP A 158 16.53 -16.69 2.87
C TRP A 158 16.83 -15.43 3.71
N GLY A 159 16.67 -15.56 5.02
CA GLY A 159 17.17 -14.57 5.97
C GLY A 159 18.69 -14.56 5.99
N PRO A 160 19.29 -13.68 6.78
CA PRO A 160 20.76 -13.59 6.78
C PRO A 160 21.52 -14.79 7.31
N GLY A 161 22.76 -14.90 6.88
CA GLY A 161 23.75 -15.75 7.54
C GLY A 161 24.25 -15.12 8.84
N PRO A 162 25.51 -15.39 9.21
CA PRO A 162 26.08 -14.88 10.47
C PRO A 162 26.03 -13.36 10.61
N ASP A 163 26.47 -12.63 9.59
CA ASP A 163 26.47 -11.17 9.62
C ASP A 163 25.11 -10.62 9.19
N LEU A 164 24.36 -10.07 10.14
CA LEU A 164 23.02 -9.54 9.85
C LEU A 164 23.00 -8.37 8.89
N THR A 165 24.16 -7.78 8.58
CA THR A 165 24.21 -6.64 7.65
C THR A 165 24.59 -7.06 6.22
N THR A 166 24.95 -8.33 6.02
CA THR A 166 25.40 -8.77 4.71
C THR A 166 24.27 -9.39 3.88
N ASN A 167 23.96 -8.80 2.73
CA ASN A 167 23.08 -9.43 1.75
C ASN A 167 23.92 -10.04 0.66
N LYS A 168 23.53 -11.21 0.11
CA LYS A 168 24.32 -11.74 -1.00
C LYS A 168 23.52 -12.63 -1.91
N THR A 169 23.94 -12.70 -3.16
CA THR A 169 23.24 -13.47 -4.18
C THR A 169 24.20 -14.56 -4.65
N GLY A 170 23.67 -15.71 -5.06
CA GLY A 170 24.47 -16.82 -5.58
C GLY A 170 23.70 -17.72 -6.51
N GLY A 171 24.39 -18.55 -7.32
CA GLY A 171 23.69 -19.46 -8.23
C GLY A 171 23.80 -20.90 -7.70
N ILE A 172 23.29 -21.87 -8.47
CA ILE A 172 23.38 -23.27 -8.07
C ILE A 172 24.29 -24.08 -8.97
N ILE A 173 25.04 -25.03 -8.37
CA ILE A 173 25.99 -25.88 -9.06
C ILE A 173 25.44 -27.29 -9.35
N TYR A 174 25.67 -27.79 -10.56
CA TYR A 174 25.33 -29.17 -10.95
C TYR A 174 26.58 -30.04 -10.91
N SER A 175 26.47 -31.21 -10.29
CA SER A 175 27.56 -32.15 -10.31
C SER A 175 27.07 -33.54 -10.68
N PRO A 176 27.14 -33.89 -11.99
CA PRO A 176 26.64 -35.16 -12.53
C PRO A 176 27.40 -36.38 -11.99
N TYR A 177 28.73 -36.28 -12.02
CA TYR A 177 29.59 -37.35 -11.61
C TYR A 177 31.01 -36.83 -11.44
N GLN A 178 31.85 -37.66 -10.84
CA GLN A 178 33.28 -37.39 -10.67
C GLN A 178 33.63 -36.04 -10.09
N SER A 179 32.77 -35.52 -9.22
CA SER A 179 32.99 -34.26 -8.49
C SER A 179 33.03 -33.05 -9.42
N MET A 180 32.71 -33.27 -10.67
CA MET A 180 32.61 -32.22 -11.66
C MET A 180 31.64 -31.11 -11.26
N GLU A 181 31.89 -29.88 -11.70
CA GLU A 181 31.02 -28.77 -11.33
C GLU A 181 30.63 -27.90 -12.51
N ALA A 182 29.34 -27.87 -12.79
CA ALA A 182 28.79 -26.99 -13.79
C ALA A 182 28.16 -25.79 -13.09
N THR A 183 28.37 -24.61 -13.66
CA THR A 183 27.75 -23.39 -13.14
C THR A 183 26.91 -22.72 -14.24
N PRO A 184 25.72 -23.28 -14.52
CA PRO A 184 24.98 -22.79 -15.68
C PRO A 184 24.57 -21.32 -15.58
N TYR A 185 24.48 -20.75 -14.38
CA TYR A 185 24.15 -19.36 -14.22
C TYR A 185 25.27 -18.39 -14.70
N LYS A 186 26.43 -18.92 -15.05
CA LYS A 186 27.58 -18.16 -15.61
C LYS A 186 27.79 -18.45 -17.08
N ASP A 187 27.03 -19.41 -17.61
CA ASP A 187 27.27 -19.90 -18.97
C ASP A 187 26.09 -19.68 -19.95
N GLY A 188 25.23 -18.68 -19.72
CA GLY A 188 24.10 -18.41 -20.59
C GLY A 188 22.79 -19.17 -20.29
N PHE A 189 22.88 -20.34 -19.67
CA PHE A 189 21.70 -21.15 -19.31
C PHE A 189 20.87 -20.58 -18.16
N GLY A 190 21.56 -20.11 -17.12
CA GLY A 190 20.89 -19.62 -15.93
C GLY A 190 20.67 -20.76 -14.96
N SER A 191 20.28 -20.46 -13.74
CA SER A 191 19.93 -21.53 -12.79
C SER A 191 19.04 -20.92 -11.76
N ILE A 192 18.44 -21.76 -10.90
CA ILE A 192 17.80 -21.28 -9.70
C ILE A 192 18.78 -20.37 -8.97
N MET A 193 18.30 -19.22 -8.48
CA MET A 193 19.18 -18.29 -7.76
C MET A 193 18.82 -18.33 -6.29
N THR A 194 19.79 -17.94 -5.46
CA THR A 194 19.65 -17.83 -4.02
C THR A 194 19.96 -16.39 -3.59
N VAL A 195 19.14 -15.83 -2.71
CA VAL A 195 19.49 -14.56 -2.03
C VAL A 195 19.45 -14.69 -0.50
N GLU A 196 20.46 -14.21 0.21
CA GLU A 196 20.39 -14.03 1.64
C GLU A 196 20.10 -12.56 1.86
N PHE A 197 18.95 -12.25 2.45
CA PHE A 197 18.52 -10.85 2.56
C PHE A 197 18.05 -10.50 3.97
N SER A 198 18.48 -9.33 4.42
CA SER A 198 18.25 -8.90 5.78
C SER A 198 17.72 -7.45 5.75
N PRO A 199 16.38 -7.28 5.66
CA PRO A 199 15.81 -5.93 5.47
C PRO A 199 15.90 -4.99 6.67
N GLU A 200 16.01 -5.51 7.87
CA GLU A 200 16.02 -4.70 9.08
C GLU A 200 17.39 -4.15 9.52
N TYR A 201 18.46 -4.54 8.85
CA TYR A 201 19.81 -4.05 9.20
C TYR A 201 20.42 -3.37 7.97
N ALA A 202 20.84 -2.12 8.13
CA ALA A 202 21.17 -1.28 7.00
C ALA A 202 22.38 -0.43 7.30
N THR A 203 23.00 0.10 6.25
CA THR A 203 24.06 1.08 6.45
C THR A 203 23.57 2.40 5.88
N ALA A 204 24.30 3.46 6.20
CA ALA A 204 24.04 4.82 5.70
C ALA A 204 25.21 5.26 4.81
N PHE A 205 24.98 6.29 4.01
CA PHE A 205 26.05 6.84 3.17
C PHE A 205 26.17 8.34 3.44
N ASN A 206 27.24 8.99 2.97
CA ASN A 206 27.44 10.41 3.21
CA ASN A 206 27.44 10.41 3.20
C ASN A 206 27.20 11.23 1.93
N ASP A 207 26.71 12.45 2.10
CA ASP A 207 26.58 13.38 0.99
C ASP A 207 26.60 14.81 1.51
N ILE A 208 27.13 15.70 0.68
CA ILE A 208 27.31 17.10 1.06
C ILE A 208 26.27 17.92 0.31
N SER A 209 25.43 18.66 1.04
CA SER A 209 24.40 19.44 0.39
C SER A 209 25.03 20.60 -0.39
N ILE A 210 24.53 20.82 -1.61
CA ILE A 210 25.07 21.84 -2.51
C ILE A 210 24.85 23.23 -1.94
N ALA A 211 23.80 23.39 -1.14
CA ALA A 211 23.47 24.69 -0.54
C ALA A 211 24.15 24.93 0.80
N SER A 212 23.87 24.09 1.79
CA SER A 212 24.41 24.25 3.14
C SER A 212 25.93 24.08 3.19
N HIS A 213 26.46 23.36 2.20
CA HIS A 213 27.87 22.97 2.17
C HIS A 213 28.19 22.17 3.44
N SER A 214 27.21 21.40 3.90
CA SER A 214 27.38 20.60 5.11
C SER A 214 27.08 19.13 4.84
N PRO A 215 27.87 18.24 5.47
CA PRO A 215 27.74 16.79 5.30
C PRO A 215 26.64 16.22 6.16
N SER A 216 26.02 15.15 5.68
CA SER A 216 24.95 14.53 6.41
C SER A 216 24.93 13.05 6.03
N LEU A 217 24.46 12.20 6.93
CA LEU A 217 24.29 10.78 6.67
C LEU A 217 22.84 10.48 6.25
N PHE A 218 22.68 9.56 5.30
CA PHE A 218 21.37 9.16 4.82
C PHE A 218 21.22 7.64 4.92
N ILE A 219 20.13 7.17 5.53
CA ILE A 219 19.92 5.74 5.63
C ILE A 219 19.39 5.21 4.29
N LYS A 220 19.77 3.98 3.95
CA LYS A 220 19.41 3.38 2.69
C LYS A 220 17.99 2.80 2.79
N ASP A 221 17.22 2.94 1.71
CA ASP A 221 15.85 2.38 1.62
C ASP A 221 15.97 0.86 1.35
N PRO A 222 15.46 0.01 2.26
CA PRO A 222 15.55 -1.45 2.04
C PRO A 222 14.98 -1.93 0.72
N ALA A 223 14.01 -1.22 0.13
CA ALA A 223 13.46 -1.67 -1.15
C ALA A 223 14.51 -1.55 -2.28
N LEU A 224 15.35 -0.52 -2.19
CA LEU A 224 16.41 -0.32 -3.17
C LEU A 224 17.51 -1.36 -2.94
N ILE A 225 17.78 -1.67 -1.65
CA ILE A 225 18.74 -2.71 -1.31
C ILE A 225 18.27 -4.07 -1.87
N LEU A 226 16.97 -4.36 -1.77
CA LEU A 226 16.44 -5.61 -2.33
C LEU A 226 16.55 -5.59 -3.87
N MET A 227 16.20 -4.46 -4.49
CA MET A 227 16.34 -4.35 -5.94
C MET A 227 17.79 -4.59 -6.45
N HIS A 228 18.77 -4.09 -5.70
CA HIS A 228 20.17 -4.31 -6.02
C HIS A 228 20.45 -5.83 -6.07
N GLU A 229 19.98 -6.59 -5.08
CA GLU A 229 20.17 -8.05 -5.11
C GLU A 229 19.37 -8.71 -6.27
N LEU A 230 18.19 -8.20 -6.56
CA LEU A 230 17.39 -8.73 -7.67
C LEU A 230 18.07 -8.50 -9.02
N ILE A 231 18.89 -7.46 -9.13
CA ILE A 231 19.61 -7.25 -10.36
C ILE A 231 20.66 -8.38 -10.58
N HIS A 232 21.38 -8.75 -9.50
CA HIS A 232 22.29 -9.91 -9.54
C HIS A 232 21.54 -11.22 -9.91
N VAL A 233 20.35 -11.42 -9.36
CA VAL A 233 19.52 -12.61 -9.68
C VAL A 233 19.26 -12.62 -11.17
N LEU A 234 18.84 -11.47 -11.68
CA LEU A 234 18.53 -11.31 -13.08
C LEU A 234 19.70 -11.68 -13.98
N HIS A 235 20.91 -11.27 -13.61
CA HIS A 235 22.07 -11.65 -14.39
C HIS A 235 22.20 -13.19 -14.34
N GLY A 236 21.99 -13.76 -13.18
CA GLY A 236 22.14 -15.23 -13.05
C GLY A 236 21.08 -16.00 -13.89
N LEU A 237 19.86 -15.50 -13.90
CA LEU A 237 18.76 -16.13 -14.65
C LEU A 237 19.06 -16.10 -16.14
N TYR A 238 19.70 -15.02 -16.60
CA TYR A 238 20.13 -14.89 -17.98
C TYR A 238 21.50 -15.53 -18.24
N GLY A 239 22.12 -16.11 -17.21
CA GLY A 239 23.39 -16.82 -17.38
C GLY A 239 24.58 -15.87 -17.69
N THR A 240 24.46 -14.60 -17.30
CA THR A 240 25.54 -13.60 -17.52
C THR A 240 26.28 -13.29 -16.23
N TYR A 241 26.00 -14.05 -15.17
CA TYR A 241 26.57 -13.81 -13.85
C TYR A 241 28.09 -13.96 -13.83
N ILE A 242 28.79 -12.99 -13.23
CA ILE A 242 30.25 -13.15 -13.08
C ILE A 242 30.76 -12.94 -11.66
N THR A 243 31.89 -13.61 -11.35
CA THR A 243 32.61 -13.41 -10.11
C THR A 243 34.03 -12.81 -10.33
N GLU A 244 34.58 -12.92 -11.54
CA GLU A 244 35.98 -12.47 -11.76
C GLU A 244 35.98 -11.13 -12.48
N TYR A 245 36.92 -10.88 -13.41
CA TYR A 245 36.96 -9.53 -14.04
C TYR A 245 37.07 -8.46 -12.94
N LYS A 246 37.94 -8.68 -11.97
CA LYS A 246 38.03 -7.81 -10.79
C LYS A 246 38.91 -6.58 -11.08
N ILE A 247 38.50 -5.41 -10.59
CA ILE A 247 39.23 -4.17 -10.90
C ILE A 247 39.30 -3.25 -9.70
N THR A 248 40.21 -2.29 -9.79
CA THR A 248 40.27 -1.16 -8.88
C THR A 248 40.04 0.12 -9.72
N PRO A 249 39.65 1.22 -9.06
CA PRO A 249 39.39 2.43 -9.88
C PRO A 249 40.72 3.10 -10.34
N ASN A 250 40.67 3.91 -11.41
CA ASN A 250 41.83 4.67 -11.89
C ASN A 250 42.29 5.69 -10.87
N VAL A 251 41.36 6.50 -10.40
CA VAL A 251 41.59 7.44 -9.32
C VAL A 251 40.69 7.13 -8.13
N VAL A 252 41.29 7.01 -6.95
CA VAL A 252 40.47 6.86 -5.76
C VAL A 252 39.93 8.23 -5.36
N GLN A 253 38.62 8.42 -5.54
CA GLN A 253 38.01 9.69 -5.19
C GLN A 253 37.70 9.76 -3.70
N SER A 254 37.54 10.97 -3.18
CA SER A 254 37.44 11.18 -1.73
C SER A 254 36.25 10.44 -1.11
N TYR A 255 35.19 10.22 -1.88
CA TYR A 255 34.01 9.55 -1.36
C TYR A 255 34.19 8.04 -1.24
N MET A 256 35.20 7.51 -1.92
CA MET A 256 35.45 6.07 -2.01
C MET A 256 36.26 5.49 -0.84
N LYS A 257 35.95 4.24 -0.50
CA LYS A 257 36.78 3.45 0.38
C LYS A 257 37.18 2.12 -0.33
N VAL A 258 38.40 2.06 -0.84
CA VAL A 258 38.84 0.91 -1.65
C VAL A 258 39.79 0.00 -0.86
N THR A 259 39.58 -1.31 -0.89
CA THR A 259 40.45 -2.23 -0.12
C THR A 259 41.07 -3.30 -1.01
N LYS A 260 40.27 -3.87 -1.89
CA LYS A 260 40.73 -4.92 -2.81
C LYS A 260 40.10 -4.74 -4.21
N PRO A 261 40.61 -5.47 -5.21
CA PRO A 261 39.84 -5.46 -6.46
C PRO A 261 38.45 -6.08 -6.29
N ILE A 262 37.53 -5.58 -7.10
CA ILE A 262 36.09 -5.90 -7.01
C ILE A 262 35.59 -6.35 -8.39
N THR A 263 34.77 -7.40 -8.48
CA THR A 263 34.25 -7.83 -9.79
C THR A 263 33.58 -6.67 -10.55
N SER A 264 33.83 -6.60 -11.86
CA SER A 264 33.23 -5.58 -12.73
C SER A 264 31.71 -5.54 -12.63
N ALA A 265 31.12 -6.67 -12.20
CA ALA A 265 29.65 -6.77 -12.10
C ALA A 265 29.05 -5.81 -11.06
N GLU A 266 29.80 -5.48 -10.01
CA GLU A 266 29.24 -4.56 -9.01
C GLU A 266 29.11 -3.19 -9.61
N PHE A 267 30.06 -2.80 -10.46
CA PHE A 267 29.96 -1.45 -11.03
C PHE A 267 28.86 -1.40 -12.10
N LEU A 268 28.67 -2.50 -12.83
CA LEU A 268 27.61 -2.54 -13.84
C LEU A 268 26.26 -2.59 -13.14
N THR A 269 26.23 -3.17 -11.95
CA THR A 269 24.97 -3.27 -11.24
C THR A 269 24.60 -1.89 -10.66
N PHE A 270 25.59 -1.18 -10.14
CA PHE A 270 25.32 0.18 -9.67
C PHE A 270 24.90 1.07 -10.85
N GLY A 271 25.62 1.02 -11.95
CA GLY A 271 25.25 1.80 -13.13
C GLY A 271 25.76 3.24 -13.04
N GLY A 272 25.08 4.16 -13.75
CA GLY A 272 25.43 5.58 -13.77
C GLY A 272 26.90 5.75 -14.16
N ARG A 273 27.61 6.56 -13.40
CA ARG A 273 29.01 6.83 -13.69
C ARG A 273 29.92 5.63 -13.38
N ASP A 274 29.47 4.72 -12.51
CA ASP A 274 30.30 3.53 -12.23
C ASP A 274 30.59 2.66 -13.45
N ARG A 275 29.74 2.74 -14.48
CA ARG A 275 29.98 1.99 -15.71
C ARG A 275 31.34 2.34 -16.32
N ASN A 276 31.72 3.61 -16.19
CA ASN A 276 32.96 4.07 -16.80
C ASN A 276 34.20 3.62 -16.03
N ILE A 277 34.01 3.12 -14.80
CA ILE A 277 35.11 2.50 -14.08
C ILE A 277 35.53 1.17 -14.74
N VAL A 278 34.57 0.46 -15.32
CA VAL A 278 34.91 -0.80 -15.99
C VAL A 278 35.56 -0.49 -17.32
N PRO A 279 36.81 -0.96 -17.51
CA PRO A 279 37.55 -0.75 -18.77
C PRO A 279 36.82 -1.24 -20.00
N GLN A 280 36.98 -0.49 -21.08
CA GLN A 280 36.37 -0.84 -22.36
C GLN A 280 36.64 -2.26 -22.84
N SER A 281 37.88 -2.75 -22.64
CA SER A 281 38.25 -4.09 -23.07
C SER A 281 37.51 -5.17 -22.30
N ILE A 282 37.29 -4.94 -21.01
CA ILE A 282 36.48 -5.86 -20.19
C ILE A 282 35.00 -5.78 -20.61
N GLN A 283 34.51 -4.58 -20.88
CA GLN A 283 33.13 -4.46 -21.34
C GLN A 283 32.89 -5.21 -22.66
N SER A 284 33.87 -5.18 -23.55
CA SER A 284 33.77 -5.95 -24.80
C SER A 284 33.95 -7.46 -24.58
N GLN A 285 34.83 -7.85 -23.67
CA GLN A 285 34.97 -9.27 -23.32
C GLN A 285 33.63 -9.88 -22.84
N LEU A 286 32.98 -9.21 -21.89
CA LEU A 286 31.70 -9.70 -21.34
C LEU A 286 30.63 -9.80 -22.42
N TYR A 287 30.53 -8.78 -23.26
CA TYR A 287 29.59 -8.77 -24.37
C TYR A 287 29.84 -9.95 -25.31
N ASN A 288 31.11 -10.18 -25.65
CA ASN A 288 31.42 -11.28 -26.57
C ASN A 288 31.28 -12.66 -25.92
N LYS A 289 31.51 -12.74 -24.62
CA LYS A 289 31.31 -14.02 -23.93
C LYS A 289 29.82 -14.40 -23.95
N VAL A 290 28.95 -13.44 -23.63
CA VAL A 290 27.51 -13.72 -23.58
C VAL A 290 27.00 -14.09 -24.97
N LEU A 291 27.49 -13.40 -25.98
CA LEU A 291 27.11 -13.65 -27.36
C LEU A 291 27.50 -15.06 -27.81
N SER A 292 28.72 -15.46 -27.46
CA SER A 292 29.16 -16.80 -27.74
C SER A 292 28.29 -17.86 -27.00
N ASP A 293 27.94 -17.62 -25.75
CA ASP A 293 27.10 -18.56 -24.98
C ASP A 293 25.69 -18.65 -25.57
N TYR A 294 25.12 -17.52 -25.97
CA TYR A 294 23.76 -17.56 -26.56
C TYR A 294 23.75 -18.23 -27.91
N LYS A 295 24.81 -18.09 -28.72
CA LYS A 295 24.93 -18.83 -29.99
C LYS A 295 24.93 -20.36 -29.76
N ARG A 296 25.64 -20.78 -28.72
CA ARG A 296 25.64 -22.20 -28.36
C ARG A 296 24.24 -22.66 -27.94
N ILE A 297 23.50 -21.81 -27.21
CA ILE A 297 22.15 -22.23 -26.78
C ILE A 297 21.19 -22.31 -27.97
N ALA A 298 21.34 -21.43 -28.96
CA ALA A 298 20.51 -21.49 -30.17
C ALA A 298 20.73 -22.80 -30.91
N SER A 299 22.00 -23.19 -31.02
CA SER A 299 22.41 -24.42 -31.68
C SER A 299 21.86 -25.67 -30.98
N ARG A 300 21.91 -25.65 -29.67
CA ARG A 300 21.44 -26.74 -28.84
C ARG A 300 19.90 -26.86 -28.89
N LEU A 301 19.22 -25.72 -28.98
CA LEU A 301 17.77 -25.68 -29.05
C LEU A 301 17.27 -26.32 -30.36
N ASN A 302 18.10 -26.25 -31.40
CA ASN A 302 17.73 -26.89 -32.70
C ASN A 302 17.76 -28.42 -32.61
N LYS A 303 18.40 -28.94 -31.57
CA LYS A 303 18.57 -30.37 -31.41
C LYS A 303 17.56 -31.03 -30.44
N VAL A 304 16.82 -30.24 -29.69
CA VAL A 304 15.99 -30.80 -28.64
C VAL A 304 14.79 -31.60 -29.21
N ASN A 305 14.67 -32.86 -28.81
CA ASN A 305 13.53 -33.67 -29.27
C ASN A 305 12.90 -34.47 -28.15
N THR A 306 13.40 -34.28 -26.93
CA THR A 306 12.81 -35.01 -25.81
C THR A 306 12.99 -34.28 -24.48
N ALA A 307 12.31 -34.73 -23.43
CA ALA A 307 12.42 -34.08 -22.13
C ALA A 307 12.46 -35.14 -21.07
N THR A 308 13.01 -34.81 -19.89
CA THR A 308 13.06 -35.77 -18.79
C THR A 308 11.78 -35.76 -17.95
N ALA A 309 10.79 -34.98 -18.38
CA ALA A 309 9.53 -34.96 -17.67
C ALA A 309 8.41 -34.76 -18.66
N LEU A 310 7.19 -34.98 -18.19
CA LEU A 310 6.02 -34.72 -19.01
C LEU A 310 5.78 -33.21 -19.09
N ILE A 311 6.54 -32.53 -19.93
CA ILE A 311 6.35 -31.11 -20.17
C ILE A 311 6.05 -30.94 -21.62
N ASN A 312 5.50 -29.79 -21.98
CA ASN A 312 5.25 -29.49 -23.37
C ASN A 312 6.47 -28.91 -24.07
N ILE A 313 7.15 -29.76 -24.86
CA ILE A 313 8.41 -29.40 -25.50
C ILE A 313 8.30 -28.16 -26.39
N ASP A 314 7.29 -28.10 -27.24
CA ASP A 314 7.17 -26.93 -28.14
C ASP A 314 6.89 -25.65 -27.38
N GLU A 315 6.13 -25.72 -26.30
CA GLU A 315 5.90 -24.51 -25.48
C GLU A 315 7.20 -23.98 -24.85
N PHE A 316 8.07 -24.87 -24.37
CA PHE A 316 9.35 -24.42 -23.81
C PHE A 316 10.26 -23.89 -24.89
N LYS A 317 10.23 -24.46 -26.10
CA LYS A 317 11.01 -23.89 -27.21
C LYS A 317 10.56 -22.46 -27.57
N ASN A 318 9.25 -22.23 -27.56
CA ASN A 318 8.75 -20.87 -27.77
C ASN A 318 9.23 -19.95 -26.66
N LEU A 319 9.24 -20.46 -25.44
CA LEU A 319 9.65 -19.66 -24.31
C LEU A 319 11.13 -19.21 -24.41
N TYR A 320 12.03 -20.12 -24.82
CA TYR A 320 13.47 -19.77 -24.97
C TYR A 320 13.73 -18.93 -26.23
N GLU A 321 12.89 -19.11 -27.26
CA GLU A 321 12.99 -18.27 -28.44
C GLU A 321 12.80 -16.81 -28.04
N TRP A 322 11.79 -16.56 -27.20
CA TRP A 322 11.51 -15.23 -26.67
CA TRP A 322 11.53 -15.24 -26.77
C TRP A 322 12.58 -14.74 -25.67
N LYS A 323 12.94 -15.58 -24.69
CA LYS A 323 13.90 -15.23 -23.65
C LYS A 323 15.23 -14.77 -24.24
N TYR A 324 15.77 -15.53 -25.19
CA TYR A 324 17.08 -15.23 -25.74
C TYR A 324 16.98 -14.39 -27.00
N GLN A 325 15.76 -14.02 -27.38
CA GLN A 325 15.49 -13.19 -28.55
C GLN A 325 16.11 -13.75 -29.81
N PHE A 326 15.98 -15.05 -29.95
CA PHE A 326 16.47 -15.73 -31.13
C PHE A 326 15.64 -15.42 -32.36
N ALA A 327 16.30 -15.44 -33.51
CA ALA A 327 15.62 -15.51 -34.81
C ALA A 327 15.16 -16.96 -35.09
N LYS A 328 14.02 -17.12 -35.78
CA LYS A 328 13.52 -18.43 -36.22
C LYS A 328 13.19 -18.40 -37.69
N ASP A 329 13.87 -19.19 -38.52
CA ASP A 329 13.61 -19.09 -39.96
C ASP A 329 12.39 -19.92 -40.38
N SER A 330 12.09 -19.94 -41.67
CA SER A 330 10.88 -20.58 -42.19
C SER A 330 10.87 -22.08 -42.02
N ASN A 331 12.04 -22.66 -41.74
CA ASN A 331 12.15 -24.08 -41.45
C ASN A 331 12.17 -24.40 -39.96
N GLY A 332 11.94 -23.39 -39.12
CA GLY A 332 11.93 -23.61 -37.70
C GLY A 332 13.31 -23.62 -37.05
N VAL A 333 14.33 -23.16 -37.78
CA VAL A 333 15.71 -23.15 -37.26
C VAL A 333 16.04 -21.87 -36.49
N TYR A 334 16.57 -22.05 -35.28
CA TYR A 334 16.90 -20.93 -34.38
C TYR A 334 18.31 -20.42 -34.63
N SER A 335 18.51 -19.11 -34.52
CA SER A 335 19.88 -18.58 -34.57
C SER A 335 19.95 -17.25 -33.85
N VAL A 336 21.15 -16.72 -33.65
CA VAL A 336 21.25 -15.39 -33.04
C VAL A 336 21.19 -14.31 -34.12
N ASP A 337 20.26 -13.37 -33.94
CA ASP A 337 20.20 -12.12 -34.71
C ASP A 337 20.99 -11.04 -33.97
N LEU A 338 22.02 -10.48 -34.60
CA LEU A 338 22.94 -9.59 -33.88
C LEU A 338 22.25 -8.32 -33.34
N ASN A 339 21.26 -7.82 -34.07
CA ASN A 339 20.56 -6.61 -33.65
C ASN A 339 19.64 -6.90 -32.45
N LYS A 340 18.95 -8.03 -32.48
CA LYS A 340 18.13 -8.40 -31.33
C LYS A 340 19.01 -8.72 -30.12
N PHE A 341 20.21 -9.27 -30.34
CA PHE A 341 21.11 -9.54 -29.23
C PHE A 341 21.58 -8.25 -28.56
N GLU A 342 21.94 -7.27 -29.37
CA GLU A 342 22.40 -6.00 -28.80
C GLU A 342 21.32 -5.37 -27.93
N GLN A 343 20.06 -5.43 -28.39
CA GLN A 343 18.97 -4.88 -27.61
C GLN A 343 18.69 -5.69 -26.34
N LEU A 344 18.85 -7.01 -26.41
CA LEU A 344 18.64 -7.82 -25.22
C LEU A 344 19.71 -7.52 -24.16
N TYR A 345 20.95 -7.49 -24.58
CA TYR A 345 22.06 -7.21 -23.69
C TYR A 345 21.87 -5.85 -23.05
N LYS A 346 21.38 -4.90 -23.84
CA LYS A 346 21.15 -3.56 -23.32
C LYS A 346 20.07 -3.60 -22.27
N LYS A 347 19.03 -4.37 -22.53
CA LYS A 347 17.93 -4.53 -21.61
C LYS A 347 18.35 -5.17 -20.30
N ILE A 348 19.15 -6.20 -20.36
CA ILE A 348 19.59 -6.86 -19.17
C ILE A 348 20.37 -5.88 -18.30
N TYR A 349 21.20 -5.06 -18.91
CA TYR A 349 22.03 -4.15 -18.17
C TYR A 349 21.43 -2.79 -17.96
N SER A 350 20.19 -2.61 -18.42
CA SER A 350 19.42 -1.43 -18.11
C SER A 350 18.99 -1.32 -16.65
N PHE A 351 18.85 -2.43 -15.97
CA PHE A 351 18.46 -2.43 -14.58
C PHE A 351 19.63 -2.10 -13.64
N THR A 352 19.64 -0.91 -13.05
CA THR A 352 20.77 -0.47 -12.23
C THR A 352 20.26 0.19 -10.97
N GLU A 353 21.07 0.19 -9.92
CA GLU A 353 20.71 0.85 -8.66
C GLU A 353 20.52 2.37 -8.90
N PHE A 354 21.42 2.94 -9.69
CA PHE A 354 21.38 4.38 -10.01
C PHE A 354 20.04 4.78 -10.67
N ASN A 355 19.63 4.02 -11.69
CA ASN A 355 18.42 4.34 -12.42
C ASN A 355 17.16 4.09 -11.60
N LEU A 356 17.13 3.00 -10.86
CA LEU A 356 15.96 2.67 -10.03
C LEU A 356 15.85 3.70 -8.88
N ALA A 357 16.98 4.17 -8.37
CA ALA A 357 16.93 5.17 -7.32
C ALA A 357 16.26 6.44 -7.84
N TYR A 358 16.63 6.82 -9.06
CA TYR A 358 16.08 8.00 -9.72
C TYR A 358 14.57 7.82 -9.96
N GLU A 359 14.22 6.67 -10.50
CA GLU A 359 12.80 6.36 -10.77
C GLU A 359 11.91 6.32 -9.51
N PHE A 360 12.47 5.86 -8.40
CA PHE A 360 11.75 5.78 -7.14
C PHE A 360 11.90 7.02 -6.23
N LYS A 361 12.68 8.01 -6.66
CA LYS A 361 12.96 9.15 -5.79
C LYS A 361 13.46 8.71 -4.43
N ILE A 362 14.40 7.75 -4.48
CA ILE A 362 15.16 7.31 -3.36
C ILE A 362 16.60 7.86 -3.48
N LYS A 363 17.14 8.41 -2.42
CA LYS A 363 18.54 8.87 -2.46
C LYS A 363 19.44 7.68 -2.27
N THR A 364 20.52 7.62 -3.05
CA THR A 364 21.50 6.57 -2.85
C THR A 364 22.90 7.13 -2.88
N ARG A 365 23.82 6.23 -2.54
CA ARG A 365 25.24 6.51 -2.44
C ARG A 365 25.83 6.99 -3.76
N LEU A 366 26.97 7.65 -3.68
CA LEU A 366 27.62 8.22 -4.85
C LEU A 366 28.12 7.22 -5.86
N GLY A 367 28.39 5.99 -5.40
CA GLY A 367 28.87 4.92 -6.25
C GLY A 367 29.07 3.67 -5.42
N TYR A 368 29.35 2.54 -6.06
CA TYR A 368 29.53 1.28 -5.34
C TYR A 368 30.62 1.33 -4.27
N LEU A 369 31.70 2.07 -4.53
CA LEU A 369 32.83 2.11 -3.63
C LEU A 369 32.67 3.12 -2.51
N ALA A 370 31.47 3.70 -2.38
CA ALA A 370 31.23 4.68 -1.32
C ALA A 370 31.35 4.05 0.05
N GLU A 371 31.75 4.86 1.04
CA GLU A 371 31.94 4.36 2.39
C GLU A 371 30.58 4.02 2.99
N ASN A 372 30.51 2.90 3.69
CA ASN A 372 29.32 2.51 4.45
C ASN A 372 29.45 3.00 5.88
N PHE A 373 28.35 3.50 6.46
CA PHE A 373 28.35 3.94 7.85
C PHE A 373 27.33 3.21 8.71
N GLY A 374 27.67 2.99 9.97
CA GLY A 374 26.74 2.36 10.89
C GLY A 374 27.39 1.13 11.51
N PRO A 375 26.68 0.00 11.51
CA PRO A 375 25.36 -0.18 10.90
C PRO A 375 24.18 0.16 11.81
N PHE A 376 22.98 0.14 11.22
CA PHE A 376 21.74 0.53 11.89
C PHE A 376 20.68 -0.56 11.90
N TYR A 377 19.91 -0.62 12.98
CA TYR A 377 18.68 -1.40 13.01
C TYR A 377 17.50 -0.48 12.62
N LEU A 378 16.60 -1.00 11.78
CA LEU A 378 15.39 -0.27 11.36
C LEU A 378 14.16 -0.92 12.00
N PRO A 379 13.77 -0.47 13.19
CA PRO A 379 12.75 -1.13 14.02
C PRO A 379 11.30 -1.03 13.51
N ASN A 380 10.98 -0.07 12.64
CA ASN A 380 9.58 0.18 12.30
C ASN A 380 9.24 0.29 10.83
N LEU A 381 9.77 -0.61 10.01
CA LEU A 381 9.50 -0.61 8.59
C LEU A 381 8.01 -0.89 8.34
N LEU A 382 7.40 -1.61 9.25
CA LEU A 382 5.98 -1.99 9.11
C LEU A 382 4.99 -0.87 9.44
N ASP A 383 5.47 0.20 10.09
CA ASP A 383 4.66 1.36 10.50
C ASP A 383 4.52 2.40 9.37
N ASP A 384 3.31 2.56 8.84
CA ASP A 384 3.08 3.43 7.67
C ASP A 384 3.30 4.92 7.98
N SER A 385 3.41 5.30 9.26
CA SER A 385 3.82 6.68 9.56
C SER A 385 5.34 6.89 9.49
N ILE A 386 6.11 5.79 9.33
CA ILE A 386 7.58 5.84 9.26
C ILE A 386 8.08 5.48 7.85
N TYR A 387 7.50 4.42 7.31
CA TYR A 387 7.92 3.89 6.04
C TYR A 387 6.68 3.39 5.27
N THR A 388 6.47 3.83 4.05
CA THR A 388 5.30 3.35 3.28
C THR A 388 5.66 2.61 2.02
N GLU A 389 4.74 1.75 1.54
CA GLU A 389 4.93 1.14 0.20
C GLU A 389 5.20 2.17 -0.91
N VAL A 390 4.38 3.21 -0.97
CA VAL A 390 4.39 4.15 -2.10
C VAL A 390 5.59 5.11 -2.02
N ASP A 391 6.00 5.51 -0.82
CA ASP A 391 7.07 6.57 -0.71
C ASP A 391 8.31 6.23 0.09
N GLY A 392 8.31 5.08 0.76
CA GLY A 392 9.40 4.74 1.65
C GLY A 392 9.46 5.65 2.86
N PHE A 393 10.66 6.15 3.17
CA PHE A 393 10.80 7.04 4.31
C PHE A 393 10.36 8.46 4.00
N ASN A 394 10.34 8.78 2.71
CA ASN A 394 10.18 10.15 2.25
C ASN A 394 8.67 10.53 2.07
N ILE A 395 7.95 10.51 3.19
CA ILE A 395 6.51 10.78 3.25
C ILE A 395 6.26 12.30 3.27
N GLY A 396 5.37 12.77 2.41
CA GLY A 396 4.95 14.19 2.43
C GLY A 396 6.17 15.10 2.17
N ALA A 397 6.29 16.16 2.97
CA ALA A 397 7.35 17.13 2.75
C ALA A 397 8.74 16.56 3.09
N LEU A 398 8.78 15.36 3.66
CA LEU A 398 10.06 14.73 3.91
C LEU A 398 10.76 14.38 2.58
N SER A 399 10.03 14.46 1.48
CA SER A 399 10.65 14.20 0.18
C SER A 399 11.63 15.32 -0.20
N ILE A 400 11.44 16.54 0.33
CA ILE A 400 12.34 17.61 -0.06
C ILE A 400 13.74 17.39 0.51
N ASN A 401 14.71 17.34 -0.40
CA ASN A 401 16.10 16.98 -0.10
C ASN A 401 16.21 15.62 0.63
N TYR A 402 15.24 14.74 0.39
CA TYR A 402 15.22 13.39 0.96
C TYR A 402 15.41 13.44 2.46
N GLN A 403 14.80 14.41 3.10
CA GLN A 403 14.89 14.62 4.54
C GLN A 403 14.44 13.37 5.32
N GLY A 404 13.52 12.61 4.72
CA GLY A 404 13.05 11.37 5.32
C GLY A 404 14.17 10.36 5.52
N GLN A 405 15.21 10.39 4.68
CA GLN A 405 16.35 9.48 4.85
C GLN A 405 17.47 10.11 5.68
N ASN A 406 17.38 11.42 5.92
CA ASN A 406 18.46 12.12 6.65
C ASN A 406 18.46 11.76 8.15
N ILE A 407 19.50 11.10 8.65
CA ILE A 407 19.44 10.65 10.03
C ILE A 407 20.37 11.44 10.96
N GLY A 408 21.10 12.41 10.43
CA GLY A 408 21.99 13.19 11.28
C GLY A 408 23.24 13.62 10.57
N SER A 409 24.09 14.38 11.25
CA SER A 409 25.29 14.91 10.64
C SER A 409 26.38 13.85 10.44
N ASP A 410 26.71 13.09 11.48
CA ASP A 410 27.68 12.00 11.35
C ASP A 410 27.50 11.00 12.48
N ILE A 411 28.32 9.93 12.48
CA ILE A 411 28.18 8.86 13.47
C ILE A 411 28.36 9.45 14.87
N ASN A 412 29.37 10.30 15.04
CA ASN A 412 29.63 10.94 16.32
C ASN A 412 28.43 11.64 16.95
N SER A 413 27.78 12.53 16.20
CA SER A 413 26.62 13.25 16.73
C SER A 413 25.46 12.31 17.04
N ILE A 414 25.22 11.37 16.13
CA ILE A 414 24.17 10.37 16.30
C ILE A 414 24.42 9.55 17.57
N LYS A 415 25.65 9.10 17.74
CA LYS A 415 26.02 8.28 18.88
C LYS A 415 25.77 9.05 20.18
N LYS A 416 26.13 10.33 20.19
CA LYS A 416 25.96 11.19 21.37
C LYS A 416 24.48 11.33 21.72
N LEU A 417 23.67 11.61 20.70
CA LEU A 417 22.23 11.78 20.89
C LEU A 417 21.59 10.52 21.46
N GLN A 418 22.00 9.36 20.93
CA GLN A 418 21.46 8.07 21.41
C GLN A 418 21.89 7.82 22.85
N GLY A 419 23.10 8.26 23.18
CA GLY A 419 23.60 8.21 24.54
C GLY A 419 22.75 9.03 25.48
N GLN A 420 22.34 10.21 25.02
CA GLN A 420 21.51 11.11 25.83
C GLN A 420 20.07 10.64 26.01
N GLY A 421 19.67 9.60 25.28
CA GLY A 421 18.32 9.08 25.43
C GLY A 421 17.37 9.59 24.36
N VAL A 422 17.93 10.30 23.38
CA VAL A 422 17.14 10.75 22.24
C VAL A 422 16.88 9.55 21.32
N VAL A 423 15.64 9.08 21.27
CA VAL A 423 15.33 7.91 20.45
C VAL A 423 14.83 8.29 19.05
N SER A 424 15.29 7.55 18.05
CA SER A 424 14.72 7.64 16.71
C SER A 424 13.83 6.44 16.41
N ARG A 425 12.72 6.68 15.72
CA ARG A 425 11.85 5.59 15.33
C ARG A 425 12.19 5.17 13.90
N VAL A 426 13.18 5.83 13.30
CA VAL A 426 13.61 5.47 11.96
C VAL A 426 14.77 4.48 12.03
N VAL A 427 15.82 4.84 12.77
CA VAL A 427 17.03 4.04 12.93
C VAL A 427 17.51 3.92 14.38
N ARG A 428 18.18 2.79 14.70
CA ARG A 428 18.95 2.66 15.94
C ARG A 428 20.38 2.25 15.62
N LEU A 429 21.36 3.02 16.09
CA LEU A 429 22.75 2.66 15.87
C LEU A 429 23.06 1.37 16.62
N CYS A 430 23.65 0.39 15.93
CA CYS A 430 23.98 -0.92 16.53
C CYS A 430 25.22 -0.82 17.39
N SER A 431 25.33 -1.70 18.38
CA SER A 431 26.51 -1.76 19.25
C SER A 431 27.81 -1.91 18.46
N MET B 3 -8.30 7.84 -13.99
CA MET B 3 -9.69 7.92 -13.53
C MET B 3 -9.85 7.69 -12.01
N PRO B 4 -9.11 6.70 -11.42
CA PRO B 4 -9.14 6.67 -9.95
C PRO B 4 -8.49 7.93 -9.37
N VAL B 5 -8.99 8.39 -8.22
CA VAL B 5 -8.47 9.62 -7.65
C VAL B 5 -7.07 9.37 -7.09
N VAL B 6 -6.38 10.48 -6.83
CA VAL B 6 -5.07 10.48 -6.18
C VAL B 6 -5.20 10.77 -4.69
N ILE B 7 -4.61 9.91 -3.88
CA ILE B 7 -4.58 10.13 -2.45
C ILE B 7 -3.23 10.79 -2.11
N ASN B 8 -3.29 12.00 -1.54
CA ASN B 8 -2.06 12.73 -1.13
C ASN B 8 -1.57 12.34 0.26
N SER B 9 -0.26 12.42 0.48
CA SER B 9 0.31 12.18 1.80
C SER B 9 0.97 13.42 2.41
N PHE B 10 0.94 13.53 3.73
CA PHE B 10 1.48 14.69 4.43
C PHE B 10 1.68 14.32 5.88
N ASN B 11 2.61 15.02 6.52
CA ASN B 11 2.77 14.96 7.96
C ASN B 11 2.14 16.19 8.59
N TYR B 12 1.69 16.06 9.83
CA TYR B 12 0.99 17.14 10.49
C TYR B 12 1.85 18.39 10.54
N ASP B 13 3.15 18.21 10.73
CA ASP B 13 4.07 19.35 10.87
C ASP B 13 4.63 19.90 9.57
N ASP B 14 4.23 19.35 8.43
CA ASP B 14 4.68 19.90 7.14
C ASP B 14 4.21 21.35 7.04
N PRO B 15 5.02 22.21 6.42
CA PRO B 15 4.58 23.63 6.35
C PRO B 15 3.37 23.84 5.43
N VAL B 16 2.60 24.90 5.68
CA VAL B 16 1.50 25.28 4.79
C VAL B 16 2.08 25.47 3.41
N ASN B 17 1.34 25.11 2.37
CA ASN B 17 1.92 25.19 1.05
C ASN B 17 0.93 25.78 0.04
N ASP B 18 -0.14 26.42 0.53
CA ASP B 18 -1.17 27.07 -0.30
C ASP B 18 -1.80 26.13 -1.32
N ASN B 19 -1.70 24.83 -1.10
CA ASN B 19 -2.20 23.85 -2.06
C ASN B 19 -2.87 22.65 -1.36
N THR B 20 -2.08 21.75 -0.78
CA THR B 20 -2.63 20.61 -0.04
C THR B 20 -2.67 20.84 1.47
N ILE B 21 -1.97 21.88 1.94
CA ILE B 21 -1.96 22.17 3.35
C ILE B 21 -2.23 23.66 3.49
N ILE B 22 -3.39 24.03 4.04
CA ILE B 22 -3.72 25.46 4.20
C ILE B 22 -4.48 25.71 5.50
N TYR B 23 -4.51 26.93 6.01
CA TYR B 23 -5.41 27.21 7.12
C TYR B 23 -6.77 27.60 6.55
N ILE B 24 -7.82 26.96 7.06
CA ILE B 24 -9.15 27.28 6.57
C ILE B 24 -10.14 27.66 7.65
N ARG B 25 -11.11 28.47 7.26
CA ARG B 25 -12.20 28.85 8.11
C ARG B 25 -13.40 27.94 7.78
N PRO B 26 -13.64 26.91 8.61
CA PRO B 26 -14.73 25.97 8.22
C PRO B 26 -16.12 26.58 8.40
N PRO B 27 -17.13 25.96 7.76
CA PRO B 27 -18.48 26.50 7.91
C PRO B 27 -18.93 26.72 9.36
N TYR B 28 -19.60 27.85 9.60
CA TYR B 28 -20.11 28.28 10.93
C TYR B 28 -19.05 29.00 11.79
N TYR B 29 -17.82 29.12 11.26
CA TYR B 29 -16.77 29.86 11.97
C TYR B 29 -16.61 31.25 11.38
N GLU B 30 -17.61 31.69 10.62
CA GLU B 30 -17.54 32.96 9.90
C GLU B 30 -17.44 34.14 10.85
N THR B 31 -18.27 34.16 11.89
CA THR B 31 -18.30 35.31 12.79
C THR B 31 -17.08 35.36 13.71
N SER B 32 -16.73 34.23 14.32
CA SER B 32 -15.54 34.16 15.19
C SER B 32 -14.26 34.28 14.38
N ASN B 33 -14.37 33.99 13.09
CA ASN B 33 -13.26 34.06 12.17
C ASN B 33 -12.06 33.18 12.57
N THR B 34 -12.33 31.93 12.92
CA THR B 34 -11.31 31.01 13.38
C THR B 34 -10.79 30.08 12.25
N TYR B 35 -9.47 29.97 12.16
CA TYR B 35 -8.84 29.18 11.11
C TYR B 35 -8.17 27.94 11.67
N PHE B 36 -8.21 26.88 10.87
CA PHE B 36 -7.65 25.57 11.25
C PHE B 36 -6.75 25.01 10.17
N LYS B 37 -5.63 24.39 10.57
CA LYS B 37 -4.72 23.75 9.64
C LYS B 37 -5.38 22.52 8.99
N ALA B 38 -5.45 22.50 7.68
CA ALA B 38 -6.19 21.44 6.99
C ALA B 38 -5.40 20.84 5.84
N PHE B 39 -5.75 19.58 5.55
CA PHE B 39 -4.98 18.75 4.69
C PHE B 39 -5.88 18.16 3.63
N GLN B 40 -5.54 18.38 2.36
CA GLN B 40 -6.36 17.94 1.24
C GLN B 40 -5.96 16.51 0.86
N ILE B 41 -6.68 15.54 1.42
CA ILE B 41 -6.36 14.13 1.27
C ILE B 41 -6.62 13.67 -0.18
N MET B 42 -7.62 14.27 -0.81
CA MET B 42 -7.92 14.05 -2.21
C MET B 42 -8.67 15.29 -2.67
N ASP B 43 -8.81 15.45 -3.98
CA ASP B 43 -9.47 16.63 -4.53
CA ASP B 43 -9.45 16.63 -4.62
C ASP B 43 -10.85 16.86 -3.89
N ASN B 44 -11.07 18.08 -3.37
CA ASN B 44 -12.32 18.52 -2.74
C ASN B 44 -12.61 17.92 -1.37
N VAL B 45 -11.65 17.21 -0.79
CA VAL B 45 -11.82 16.67 0.55
C VAL B 45 -10.71 17.13 1.50
N TRP B 46 -11.11 17.75 2.60
CA TRP B 46 -10.16 18.29 3.58
C TRP B 46 -10.32 17.59 4.90
N ILE B 47 -9.20 17.28 5.54
CA ILE B 47 -9.17 16.74 6.89
C ILE B 47 -8.63 17.77 7.87
N ILE B 48 -9.35 17.95 8.96
CA ILE B 48 -8.85 18.71 10.12
C ILE B 48 -8.73 17.77 11.29
N PRO B 49 -7.49 17.33 11.61
CA PRO B 49 -7.32 16.23 12.59
C PRO B 49 -7.35 16.70 14.04
N GLU B 50 -8.43 17.37 14.40
CA GLU B 50 -8.64 17.90 15.73
C GLU B 50 -10.03 17.45 16.16
N ARG B 51 -10.31 17.51 17.45
CA ARG B 51 -11.64 17.21 17.96
C ARG B 51 -12.66 18.22 17.46
N TYR B 52 -13.84 17.72 17.10
CA TYR B 52 -14.95 18.61 16.75
C TYR B 52 -15.52 19.22 18.02
N ARG B 53 -15.55 20.56 18.11
CA ARG B 53 -15.99 21.21 19.33
C ARG B 53 -17.12 22.24 19.12
N LEU B 54 -17.45 22.55 17.87
CA LEU B 54 -18.42 23.61 17.56
C LEU B 54 -19.83 23.38 18.13
N GLY B 55 -20.31 24.36 18.90
CA GLY B 55 -21.66 24.32 19.42
C GLY B 55 -21.82 23.31 20.54
N ILE B 56 -20.71 22.80 21.04
CA ILE B 56 -20.75 21.74 22.04
C ILE B 56 -20.23 22.23 23.39
N ASP B 57 -21.06 22.04 24.41
CA ASP B 57 -20.69 22.29 25.80
C ASP B 57 -19.40 21.54 26.18
N PRO B 58 -18.36 22.28 26.55
CA PRO B 58 -17.03 21.69 26.80
C PRO B 58 -17.00 20.67 27.93
N SER B 59 -17.97 20.73 28.83
CA SER B 59 -17.98 19.82 29.98
C SER B 59 -18.31 18.40 29.55
N LEU B 60 -18.88 18.27 28.36
CA LEU B 60 -19.25 16.97 27.82
C LEU B 60 -18.05 16.14 27.38
N PHE B 61 -16.91 16.79 27.20
CA PHE B 61 -15.69 16.08 26.79
C PHE B 61 -15.08 15.29 27.95
N ASN B 62 -15.42 15.68 29.17
CA ASN B 62 -14.86 14.98 30.32
C ASN B 62 -15.90 14.63 31.37
N PRO B 63 -16.84 13.75 31.02
CA PRO B 63 -17.93 13.43 31.93
C PRO B 63 -17.42 12.70 33.18
N PRO B 64 -18.08 12.92 34.34
CA PRO B 64 -17.65 12.28 35.59
C PRO B 64 -17.89 10.76 35.56
N VAL B 65 -17.23 10.04 36.47
CA VAL B 65 -17.28 8.58 36.52
C VAL B 65 -18.72 8.06 36.67
N SER B 66 -19.50 8.69 37.51
CA SER B 66 -20.87 8.25 37.69
C SER B 66 -21.58 8.40 36.38
N LEU B 67 -21.33 9.53 35.73
CA LEU B 67 -21.97 9.83 34.46
C LEU B 67 -21.59 8.85 33.36
N LYS B 68 -20.32 8.45 33.34
CA LYS B 68 -19.80 7.57 32.29
C LYS B 68 -20.37 6.15 32.16
N ALA B 69 -20.67 5.50 33.28
CA ALA B 69 -20.96 4.06 33.27
C ALA B 69 -22.15 3.68 32.43
N GLY B 70 -23.18 4.51 32.43
CA GLY B 70 -24.39 4.16 31.72
C GLY B 70 -24.07 3.96 30.25
N SER B 71 -23.17 4.78 29.74
CA SER B 71 -22.92 4.90 28.31
C SER B 71 -22.29 3.73 27.58
N ASP B 72 -22.82 3.49 26.39
CA ASP B 72 -22.24 2.60 25.40
C ASP B 72 -20.91 3.12 24.89
N GLY B 73 -20.72 4.42 24.98
CA GLY B 73 -19.62 5.11 24.33
C GLY B 73 -18.35 5.12 25.14
N TYR B 74 -17.41 5.96 24.71
CA TYR B 74 -16.13 6.11 25.41
C TYR B 74 -15.65 7.57 25.37
N PHE B 75 -15.08 8.04 26.47
CA PHE B 75 -14.72 9.46 26.62
C PHE B 75 -13.27 9.59 27.08
N ASP B 76 -12.55 10.52 26.45
CA ASP B 76 -11.18 10.88 26.81
C ASP B 76 -10.85 12.24 26.21
N PRO B 77 -10.77 13.27 27.05
CA PRO B 77 -10.59 14.67 26.63
C PRO B 77 -9.24 14.90 26.00
N ASN B 78 -8.31 13.98 26.27
CA ASN B 78 -6.94 14.20 25.85
C ASN B 78 -6.70 13.64 24.45
N TYR B 79 -7.68 12.93 23.90
CA TYR B 79 -7.51 12.40 22.55
C TYR B 79 -7.34 13.57 21.58
N LEU B 80 -6.30 13.48 20.74
CA LEU B 80 -5.91 14.49 19.74
C LEU B 80 -5.46 15.82 20.36
N SER B 81 -4.94 15.77 21.58
CA SER B 81 -4.43 16.97 22.24
C SER B 81 -2.97 17.27 21.86
N THR B 82 -2.24 16.28 21.37
CA THR B 82 -0.84 16.49 20.98
C THR B 82 -0.69 16.47 19.45
N ASN B 83 0.34 17.17 18.94
CA ASN B 83 0.64 17.13 17.50
C ASN B 83 1.01 15.71 17.02
N THR B 84 1.69 14.96 17.88
CA THR B 84 2.10 13.62 17.54
C THR B 84 0.86 12.78 17.21
N GLU B 85 -0.16 12.87 18.06
CA GLU B 85 -1.36 12.08 17.86
C GLU B 85 -2.19 12.61 16.68
N LYS B 86 -2.17 13.93 16.44
CA LYS B 86 -2.85 14.46 15.26
C LYS B 86 -2.20 13.91 14.02
N ASN B 87 -0.88 13.78 14.05
CA ASN B 87 -0.21 13.21 12.92
C ASN B 87 -0.59 11.73 12.78
N LYS B 88 -0.69 11.02 13.91
CA LYS B 88 -1.06 9.60 13.86
C LYS B 88 -2.44 9.46 13.25
N TYR B 89 -3.36 10.33 13.66
CA TYR B 89 -4.72 10.39 13.10
C TYR B 89 -4.67 10.62 11.58
N LEU B 90 -3.91 11.61 11.15
CA LEU B 90 -3.71 11.83 9.71
C LEU B 90 -3.19 10.63 8.92
N GLN B 91 -2.15 9.96 9.43
CA GLN B 91 -1.59 8.82 8.70
C GLN B 91 -2.62 7.70 8.59
N ILE B 92 -3.46 7.55 9.61
CA ILE B 92 -4.47 6.51 9.56
C ILE B 92 -5.49 6.85 8.49
N MET B 93 -5.88 8.13 8.44
CA MET B 93 -6.86 8.54 7.46
C MET B 93 -6.30 8.35 6.07
N ILE B 94 -5.00 8.60 5.88
CA ILE B 94 -4.35 8.34 4.59
C ILE B 94 -4.42 6.82 4.24
N LYS B 95 -4.17 6.01 5.25
CA LYS B 95 -4.24 4.55 5.03
C LYS B 95 -5.67 4.07 4.69
N LEU B 96 -6.70 4.64 5.32
CA LEU B 96 -8.07 4.21 5.02
C LEU B 96 -8.52 4.68 3.66
N PHE B 97 -8.10 5.89 3.25
CA PHE B 97 -8.40 6.27 1.88
C PHE B 97 -7.66 5.40 0.87
N LYS B 98 -6.42 5.03 1.15
CA LYS B 98 -5.73 4.16 0.22
C LYS B 98 -6.46 2.80 0.16
N ARG B 99 -6.96 2.35 1.31
CA ARG B 99 -7.68 1.08 1.35
C ARG B 99 -8.96 1.17 0.48
N ILE B 100 -9.74 2.23 0.64
CA ILE B 100 -10.95 2.39 -0.17
C ILE B 100 -10.57 2.44 -1.66
N ASN B 101 -9.45 3.06 -1.98
CA ASN B 101 -9.02 3.20 -3.35
C ASN B 101 -8.33 1.93 -3.88
N SER B 102 -8.32 0.84 -3.13
CA SER B 102 -7.59 -0.36 -3.59
C SER B 102 -8.47 -1.31 -4.38
N LYS B 103 -9.78 -1.08 -4.38
CA LYS B 103 -10.68 -1.93 -5.18
C LYS B 103 -11.65 -1.09 -5.99
N PRO B 104 -12.05 -1.59 -7.18
CA PRO B 104 -12.92 -0.81 -8.09
C PRO B 104 -14.18 -0.25 -7.42
N ALA B 105 -14.85 -1.06 -6.59
CA ALA B 105 -16.07 -0.61 -5.96
C ALA B 105 -15.82 0.64 -5.08
N GLY B 106 -14.68 0.67 -4.39
CA GLY B 106 -14.35 1.84 -3.58
C GLY B 106 -13.78 2.97 -4.41
N GLN B 107 -13.14 2.65 -5.53
CA GLN B 107 -12.63 3.68 -6.43
C GLN B 107 -13.74 4.50 -7.01
N ILE B 108 -14.85 3.83 -7.34
CA ILE B 108 -15.98 4.51 -7.91
C ILE B 108 -16.61 5.46 -6.92
N LEU B 109 -16.74 5.03 -5.66
CA LEU B 109 -17.26 5.86 -4.59
C LEU B 109 -16.43 7.14 -4.39
N LEU B 110 -15.11 7.00 -4.35
CA LEU B 110 -14.26 8.19 -4.17
C LEU B 110 -14.35 9.11 -5.37
N GLU B 111 -14.47 8.53 -6.57
CA GLU B 111 -14.67 9.36 -7.76
C GLU B 111 -15.96 10.18 -7.67
N GLU B 112 -17.01 9.59 -7.09
CA GLU B 112 -18.27 10.34 -6.84
C GLU B 112 -18.10 11.45 -5.81
N ILE B 113 -17.43 11.16 -4.69
CA ILE B 113 -17.18 12.15 -3.64
C ILE B 113 -16.43 13.37 -4.22
N LYS B 114 -15.54 13.11 -5.16
CA LYS B 114 -14.76 14.16 -5.84
C LYS B 114 -15.58 14.96 -6.88
N ASN B 115 -16.39 14.26 -7.66
CA ASN B 115 -17.02 14.88 -8.83
C ASN B 115 -18.42 15.43 -8.62
N ALA B 116 -19.12 14.99 -7.58
CA ALA B 116 -20.51 15.42 -7.35
C ALA B 116 -20.56 16.76 -6.58
N ILE B 117 -20.03 17.79 -7.20
CA ILE B 117 -19.98 19.12 -6.57
C ILE B 117 -21.40 19.69 -6.37
N PRO B 118 -21.60 20.47 -5.29
CA PRO B 118 -22.89 21.11 -5.04
C PRO B 118 -23.25 22.05 -6.17
N TYR B 119 -24.54 22.16 -6.46
CA TYR B 119 -25.00 23.15 -7.42
C TYR B 119 -24.67 24.54 -6.88
N LEU B 120 -24.32 25.45 -7.77
CA LEU B 120 -24.02 26.86 -7.38
C LEU B 120 -25.31 27.67 -7.20
N GLY B 121 -26.08 27.31 -6.18
CA GLY B 121 -27.34 27.98 -5.90
C GLY B 121 -28.19 27.10 -5.01
N ASN B 122 -29.23 27.70 -4.46
CA ASN B 122 -30.22 27.02 -3.61
C ASN B 122 -31.60 27.72 -3.62
N SER B 123 -32.50 27.28 -2.74
CA SER B 123 -33.88 27.78 -2.74
C SER B 123 -33.97 29.30 -2.56
N TYR B 124 -33.01 29.86 -1.84
CA TYR B 124 -33.00 31.29 -1.56
C TYR B 124 -31.89 32.09 -2.29
N THR B 125 -31.46 31.62 -3.48
CA THR B 125 -30.52 32.42 -4.32
C THR B 125 -31.09 32.69 -5.70
N GLN B 126 -30.54 33.69 -6.40
CA GLN B 126 -31.00 34.02 -7.75
C GLN B 126 -30.87 32.89 -8.75
N GLU B 127 -31.96 32.61 -9.47
CA GLU B 127 -31.96 31.52 -10.45
C GLU B 127 -31.05 31.79 -11.63
N GLU B 128 -30.92 33.05 -12.01
CA GLU B 128 -30.12 33.45 -13.16
C GLU B 128 -28.62 33.45 -12.87
N GLN B 129 -28.26 33.19 -11.62
CA GLN B 129 -26.89 33.38 -11.16
C GLN B 129 -26.34 32.07 -10.60
N PHE B 130 -25.10 31.75 -10.99
CA PHE B 130 -24.30 30.74 -10.29
C PHE B 130 -23.72 31.42 -9.04
N THR B 131 -24.20 31.02 -7.87
CA THR B 131 -23.81 31.66 -6.62
C THR B 131 -22.75 30.85 -5.86
N THR B 132 -21.56 31.44 -5.72
CA THR B 132 -20.41 30.77 -5.11
C THR B 132 -20.09 31.30 -3.72
N ASN B 133 -20.68 32.42 -3.35
CA ASN B 133 -20.22 33.17 -2.20
C ASN B 133 -21.06 33.02 -0.93
N ASN B 134 -21.37 31.79 -0.55
CA ASN B 134 -21.88 31.56 0.78
C ASN B 134 -21.39 30.20 1.30
N ARG B 135 -21.64 29.92 2.56
CA ARG B 135 -20.93 28.85 3.24
C ARG B 135 -21.35 27.44 2.82
N THR B 136 -22.40 27.34 1.98
CA THR B 136 -22.80 26.00 1.54
C THR B 136 -21.98 25.51 0.38
N VAL B 137 -21.24 26.43 -0.27
CA VAL B 137 -20.48 26.05 -1.43
C VAL B 137 -19.01 26.46 -1.33
N SER B 138 -18.67 27.43 -0.49
CA SER B 138 -17.23 27.73 -0.39
C SER B 138 -16.81 28.24 0.98
N PHE B 139 -15.50 28.36 1.20
CA PHE B 139 -15.04 28.85 2.49
C PHE B 139 -13.78 29.68 2.29
N ASN B 140 -13.51 30.56 3.25
CA ASN B 140 -12.26 31.33 3.32
C ASN B 140 -11.03 30.45 3.68
N VAL B 141 -9.90 30.74 3.03
CA VAL B 141 -8.63 30.13 3.37
C VAL B 141 -7.62 31.26 3.51
N LYS B 142 -6.66 31.06 4.41
CA LYS B 142 -5.64 32.07 4.73
C LYS B 142 -4.35 31.62 4.07
N LEU B 143 -3.86 32.37 3.09
CA LEU B 143 -2.66 31.91 2.40
C LEU B 143 -1.44 32.15 3.30
N ALA B 144 -0.28 31.63 2.88
CA ALA B 144 0.99 31.79 3.62
C ALA B 144 1.34 33.26 3.82
N ASN B 145 1.01 34.09 2.83
CA ASN B 145 1.36 35.51 2.96
C ASN B 145 0.38 36.24 3.85
N GLY B 146 -0.65 35.51 4.31
CA GLY B 146 -1.64 36.01 5.23
C GLY B 146 -2.91 36.60 4.62
N ASN B 147 -3.00 36.64 3.29
CA ASN B 147 -4.16 37.15 2.58
C ASN B 147 -5.27 36.09 2.48
N ILE B 148 -6.51 36.55 2.45
CA ILE B 148 -7.65 35.61 2.42
C ILE B 148 -8.19 35.47 1.01
N VAL B 149 -8.39 34.22 0.59
CA VAL B 149 -9.08 33.93 -0.67
C VAL B 149 -10.19 32.88 -0.44
N GLN B 150 -11.05 32.68 -1.44
CA GLN B 150 -12.16 31.73 -1.28
C GLN B 150 -11.91 30.43 -2.02
N GLN B 151 -12.40 29.33 -1.49
CA GLN B 151 -12.19 28.03 -2.14
C GLN B 151 -13.43 27.15 -2.05
N MET B 152 -13.70 26.41 -3.11
CA MET B 152 -14.80 25.43 -3.12
C MET B 152 -14.28 24.05 -2.76
N ALA B 153 -15.14 23.23 -2.13
CA ALA B 153 -14.83 21.83 -1.77
C ALA B 153 -16.12 21.08 -1.48
N ASN B 154 -16.03 19.75 -1.32
CA ASN B 154 -17.24 18.92 -1.10
C ASN B 154 -17.40 18.39 0.33
N LEU B 155 -16.26 18.22 1.02
CA LEU B 155 -16.24 17.50 2.28
C LEU B 155 -15.12 17.92 3.22
N ILE B 156 -15.46 18.09 4.48
CA ILE B 156 -14.50 18.40 5.51
C ILE B 156 -14.68 17.35 6.57
N ILE B 157 -13.60 16.65 6.88
CA ILE B 157 -13.60 15.62 7.92
C ILE B 157 -12.87 16.06 9.19
N TRP B 158 -13.56 15.99 10.32
CA TRP B 158 -12.96 16.24 11.63
C TRP B 158 -12.75 14.95 12.43
N GLY B 159 -11.94 15.06 13.49
CA GLY B 159 -11.92 14.07 14.56
C GLY B 159 -13.19 14.09 15.41
N PRO B 160 -13.31 13.14 16.35
CA PRO B 160 -14.56 13.00 17.11
C PRO B 160 -14.89 14.16 18.05
N GLY B 161 -16.18 14.30 18.39
CA GLY B 161 -16.57 15.14 19.51
C GLY B 161 -16.28 14.49 20.85
N PRO B 162 -17.12 14.75 21.86
CA PRO B 162 -16.95 14.17 23.20
C PRO B 162 -16.86 12.63 23.21
N ASP B 163 -17.80 11.95 22.55
CA ASP B 163 -17.81 10.47 22.46
C ASP B 163 -16.91 9.96 21.33
N LEU B 164 -15.79 9.29 21.70
CA LEU B 164 -14.81 8.81 20.72
C LEU B 164 -15.34 7.70 19.81
N THR B 165 -16.49 7.11 20.12
CA THR B 165 -17.02 6.02 19.30
C THR B 165 -18.09 6.51 18.32
N THR B 166 -18.44 7.79 18.40
CA THR B 166 -19.53 8.30 17.57
C THR B 166 -19.04 8.91 16.27
N ASN B 167 -19.42 8.34 15.14
CA ASN B 167 -19.19 8.94 13.84
C ASN B 167 -20.46 9.58 13.36
N LYS B 168 -20.38 10.74 12.69
CA LYS B 168 -21.62 11.33 12.17
C LYS B 168 -21.38 12.24 10.99
N THR B 169 -22.39 12.38 10.13
CA THR B 169 -22.32 13.21 8.94
C THR B 169 -23.42 14.29 9.02
N GLY B 170 -23.17 15.46 8.42
CA GLY B 170 -24.17 16.52 8.37
C GLY B 170 -23.94 17.45 7.19
N GLY B 171 -24.97 18.26 6.85
CA GLY B 171 -24.89 19.17 5.73
C GLY B 171 -24.75 20.58 6.28
N ILE B 172 -24.72 21.57 5.39
CA ILE B 172 -24.58 22.96 5.81
C ILE B 172 -25.81 23.77 5.41
N ILE B 173 -26.22 24.67 6.30
CA ILE B 173 -27.39 25.54 6.12
C ILE B 173 -26.98 26.94 5.62
N TYR B 174 -27.75 27.46 4.66
CA TYR B 174 -27.61 28.85 4.19
C TYR B 174 -28.68 29.68 4.86
N SER B 175 -28.22 30.77 5.46
CA SER B 175 -29.15 31.67 6.10
C SER B 175 -28.94 33.11 5.66
N PRO B 176 -29.68 33.54 4.62
CA PRO B 176 -29.44 34.88 4.05
C PRO B 176 -29.74 36.04 5.02
N TYR B 177 -30.90 36.03 5.70
CA TYR B 177 -31.28 37.08 6.65
C TYR B 177 -32.53 36.58 7.40
N GLN B 178 -32.91 37.33 8.43
CA GLN B 178 -34.12 37.07 9.22
C GLN B 178 -34.22 35.64 9.72
N SER B 179 -33.07 35.03 9.98
CA SER B 179 -32.99 33.66 10.56
C SER B 179 -33.53 32.60 9.60
N MET B 180 -33.81 32.94 8.35
CA MET B 180 -34.22 31.94 7.34
C MET B 180 -33.19 30.82 7.19
N GLU B 181 -33.65 29.64 6.82
CA GLU B 181 -32.74 28.51 6.67
C GLU B 181 -33.03 27.70 5.42
N ALA B 182 -32.05 27.69 4.50
CA ALA B 182 -32.14 26.79 3.36
C ALA B 182 -31.26 25.58 3.65
N THR B 183 -31.74 24.41 3.27
CA THR B 183 -30.92 23.18 3.41
C THR B 183 -30.72 22.51 2.04
N PRO B 184 -29.79 23.04 1.23
CA PRO B 184 -29.66 22.56 -0.16
C PRO B 184 -29.25 21.08 -0.27
N TYR B 185 -28.62 20.54 0.77
CA TYR B 185 -28.21 19.12 0.79
C TYR B 185 -29.44 18.18 0.92
N LYS B 186 -30.60 18.74 1.22
CA LYS B 186 -31.86 17.98 1.29
C LYS B 186 -32.80 18.28 0.15
N ASP B 187 -32.43 19.25 -0.69
CA ASP B 187 -33.31 19.79 -1.74
C ASP B 187 -32.79 19.65 -3.17
N GLY B 188 -31.94 18.66 -3.41
CA GLY B 188 -31.39 18.42 -4.74
C GLY B 188 -30.11 19.15 -5.11
N PHE B 189 -29.86 20.35 -4.56
CA PHE B 189 -28.64 21.12 -4.90
C PHE B 189 -27.35 20.49 -4.32
N GLY B 190 -27.42 20.00 -3.08
CA GLY B 190 -26.28 19.45 -2.37
C GLY B 190 -25.58 20.60 -1.65
N SER B 191 -24.64 20.27 -0.78
CA SER B 191 -23.79 21.29 -0.12
C SER B 191 -22.52 20.65 0.30
N ILE B 192 -21.58 21.46 0.76
CA ILE B 192 -20.46 20.96 1.50
C ILE B 192 -20.97 20.14 2.67
N MET B 193 -20.34 18.99 2.89
CA MET B 193 -20.74 18.11 3.96
C MET B 193 -19.67 18.07 5.05
N THR B 194 -20.10 17.73 6.26
CA THR B 194 -19.22 17.57 7.39
C THR B 194 -19.27 16.14 7.91
N VAL B 195 -18.10 15.56 8.19
CA VAL B 195 -18.01 14.27 8.92
C VAL B 195 -17.14 14.37 10.16
N GLU B 196 -17.67 13.84 11.26
CA GLU B 196 -16.89 13.59 12.45
C GLU B 196 -16.53 12.11 12.47
N PHE B 197 -15.24 11.83 12.39
CA PHE B 197 -14.83 10.43 12.25
C PHE B 197 -13.73 10.02 13.22
N SER B 198 -13.85 8.80 13.76
CA SER B 198 -12.93 8.36 14.79
C SER B 198 -12.49 6.91 14.53
N PRO B 199 -11.45 6.75 13.70
CA PRO B 199 -11.01 5.44 13.20
C PRO B 199 -10.44 4.50 14.26
N GLU B 200 -9.92 5.02 15.37
CA GLU B 200 -9.27 4.15 16.33
C GLU B 200 -10.20 3.60 17.41
N TYR B 201 -11.47 4.03 17.44
CA TYR B 201 -12.39 3.51 18.43
C TYR B 201 -13.53 2.83 17.70
N ALA B 202 -13.77 1.56 18.02
CA ALA B 202 -14.67 0.76 17.22
C ALA B 202 -15.54 -0.12 18.06
N THR B 203 -16.63 -0.60 17.47
CA THR B 203 -17.49 -1.59 18.12
C THR B 203 -17.37 -2.89 17.34
N ALA B 204 -17.86 -3.98 17.93
CA ALA B 204 -17.87 -5.28 17.27
C ALA B 204 -19.31 -5.75 17.05
N PHE B 205 -19.51 -6.76 16.19
CA PHE B 205 -20.84 -7.34 16.00
C PHE B 205 -20.82 -8.83 16.24
N ASN B 206 -22.00 -9.43 16.25
CA ASN B 206 -22.18 -10.84 16.53
C ASN B 206 -22.73 -11.57 15.31
N ASP B 207 -22.24 -12.77 15.06
CA ASP B 207 -22.80 -13.63 14.02
C ASP B 207 -22.45 -15.08 14.29
N ILE B 208 -23.33 -15.98 13.84
CA ILE B 208 -23.23 -17.40 14.13
C ILE B 208 -22.71 -18.20 12.94
N SER B 209 -21.61 -18.91 13.14
CA SER B 209 -21.00 -19.67 12.05
C SER B 209 -21.87 -20.89 11.70
N SER B 214 -21.10 -21.60 15.24
CA SER B 214 -20.62 -21.09 16.53
C SER B 214 -20.72 -19.55 16.63
N PRO B 215 -21.09 -19.06 17.81
CA PRO B 215 -21.21 -17.62 18.01
C PRO B 215 -19.88 -16.96 18.37
N SER B 216 -19.62 -15.79 17.81
CA SER B 216 -18.37 -15.10 18.05
C SER B 216 -18.47 -13.60 17.78
N LEU B 217 -17.58 -12.81 18.38
CA LEU B 217 -17.55 -11.37 18.10
C LEU B 217 -16.53 -11.01 17.00
N PHE B 218 -16.90 -10.07 16.13
CA PHE B 218 -16.02 -9.62 15.05
C PHE B 218 -15.85 -8.11 15.12
N ILE B 219 -14.62 -7.62 15.12
CA ILE B 219 -14.40 -6.17 15.14
C ILE B 219 -14.65 -5.59 13.73
N LYS B 220 -15.15 -4.36 13.67
CA LYS B 220 -15.46 -3.73 12.38
C LYS B 220 -14.20 -3.14 11.74
N ASP B 221 -14.11 -3.24 10.41
CA ASP B 221 -13.01 -2.66 9.65
C ASP B 221 -13.23 -1.14 9.55
N PRO B 222 -12.30 -0.32 10.07
CA PRO B 222 -12.51 1.14 9.97
C PRO B 222 -12.74 1.69 8.56
N ALA B 223 -12.23 1.03 7.55
CA ALA B 223 -12.41 1.54 6.20
C ALA B 223 -13.87 1.43 5.78
N LEU B 224 -14.53 0.36 6.25
CA LEU B 224 -15.95 0.16 5.96
C LEU B 224 -16.77 1.16 6.77
N ILE B 225 -16.36 1.42 8.01
CA ILE B 225 -17.01 2.43 8.80
C ILE B 225 -16.90 3.79 8.09
N LEU B 226 -15.74 4.07 7.52
CA LEU B 226 -15.57 5.33 6.82
C LEU B 226 -16.45 5.36 5.56
N MET B 227 -16.43 4.26 4.80
CA MET B 227 -17.27 4.19 3.61
C MET B 227 -18.76 4.41 3.92
N HIS B 228 -19.23 3.91 5.07
CA HIS B 228 -20.60 4.15 5.57
C HIS B 228 -20.85 5.64 5.70
N GLU B 229 -19.89 6.37 6.28
CA GLU B 229 -20.09 7.82 6.38
C GLU B 229 -20.05 8.48 5.00
N LEU B 230 -19.16 8.01 4.11
CA LEU B 230 -19.07 8.60 2.77
C LEU B 230 -20.36 8.39 1.94
N ILE B 231 -21.09 7.32 2.27
CA ILE B 231 -22.38 7.11 1.64
C ILE B 231 -23.37 8.22 2.05
N HIS B 232 -23.45 8.57 3.35
CA HIS B 232 -24.28 9.71 3.78
C HIS B 232 -23.83 10.97 3.06
N VAL B 233 -22.50 11.11 2.91
CA VAL B 233 -21.96 12.29 2.21
C VAL B 233 -22.45 12.38 0.78
N LEU B 234 -22.41 11.25 0.09
CA LEU B 234 -22.85 11.16 -1.27
C LEU B 234 -24.31 11.61 -1.42
N HIS B 235 -25.18 11.16 -0.51
CA HIS B 235 -26.58 11.61 -0.52
C HIS B 235 -26.65 13.12 -0.32
N GLY B 236 -25.85 13.65 0.61
CA GLY B 236 -25.83 15.11 0.81
C GLY B 236 -25.40 15.87 -0.43
N LEU B 237 -24.37 15.38 -1.13
CA LEU B 237 -23.85 16.03 -2.32
C LEU B 237 -24.86 16.00 -3.49
N TYR B 238 -25.59 14.90 -3.60
CA TYR B 238 -26.62 14.83 -4.62
C TYR B 238 -27.94 15.45 -4.15
N GLY B 239 -27.97 15.95 -2.91
CA GLY B 239 -29.14 16.66 -2.41
C GLY B 239 -30.32 15.75 -2.11
N THR B 240 -30.06 14.47 -1.86
CA THR B 240 -31.11 13.49 -1.53
C THR B 240 -31.11 13.10 -0.04
N TYR B 241 -30.35 13.85 0.73
CA TYR B 241 -30.17 13.60 2.16
C TYR B 241 -31.45 13.75 3.01
N ILE B 242 -31.77 12.79 3.88
CA ILE B 242 -32.96 12.95 4.74
C ILE B 242 -32.69 12.74 6.23
N THR B 243 -33.51 13.39 7.06
CA THR B 243 -33.52 13.16 8.50
C THR B 243 -34.84 12.54 8.97
N GLU B 244 -35.90 12.66 8.18
CA GLU B 244 -37.22 12.22 8.66
C GLU B 244 -37.61 10.88 8.03
N TYR B 245 -38.90 10.69 7.72
CA TYR B 245 -39.29 9.36 7.19
C TYR B 245 -38.87 8.22 8.16
N LYS B 246 -39.16 8.44 9.44
CA LYS B 246 -38.70 7.54 10.49
C LYS B 246 -39.59 6.33 10.60
N ILE B 247 -39.00 5.15 10.75
CA ILE B 247 -39.76 3.89 10.78
C ILE B 247 -39.18 2.92 11.80
N THR B 248 -39.99 1.93 12.18
CA THR B 248 -39.52 0.74 12.91
C THR B 248 -39.84 -0.46 12.05
N PRO B 249 -39.14 -1.60 12.26
CA PRO B 249 -39.45 -2.69 11.33
C PRO B 249 -40.83 -3.32 11.59
N ASN B 250 -41.43 -3.84 10.53
CA ASN B 250 -42.71 -4.54 10.63
C ASN B 250 -42.52 -5.89 11.33
N VAL B 251 -41.48 -6.62 10.95
CA VAL B 251 -41.15 -7.86 11.64
C VAL B 251 -39.81 -7.73 12.36
N VAL B 252 -39.84 -7.83 13.68
CA VAL B 252 -38.64 -7.72 14.51
C VAL B 252 -37.87 -9.02 14.58
N GLN B 253 -36.71 -9.06 13.93
CA GLN B 253 -35.93 -10.28 13.95
C GLN B 253 -35.06 -10.34 15.20
N SER B 254 -34.61 -11.55 15.54
CA SER B 254 -33.93 -11.77 16.79
C SER B 254 -32.63 -10.95 16.90
N TYR B 255 -31.99 -10.68 15.76
CA TYR B 255 -30.73 -9.95 15.80
C TYR B 255 -30.98 -8.46 16.07
N MET B 256 -32.22 -7.99 15.90
CA MET B 256 -32.50 -6.56 15.98
C MET B 256 -32.58 -6.00 17.40
N LYS B 257 -32.10 -4.78 17.56
CA LYS B 257 -32.23 -4.04 18.81
C LYS B 257 -32.97 -2.75 18.46
N VAL B 258 -34.29 -2.75 18.70
CA VAL B 258 -35.15 -1.65 18.25
C VAL B 258 -35.41 -0.73 19.41
N THR B 259 -35.24 0.57 19.18
CA THR B 259 -35.35 1.52 20.27
C THR B 259 -36.36 2.64 20.02
N LYS B 260 -36.19 3.36 18.92
CA LYS B 260 -37.06 4.46 18.54
C LYS B 260 -37.21 4.37 17.02
N PRO B 261 -38.20 5.07 16.45
CA PRO B 261 -38.16 5.10 14.99
C PRO B 261 -36.88 5.76 14.46
N ILE B 262 -36.39 5.28 13.31
CA ILE B 262 -35.08 5.60 12.75
C ILE B 262 -35.33 6.05 11.32
N THR B 263 -34.64 7.10 10.88
CA THR B 263 -34.79 7.56 9.50
C THR B 263 -34.56 6.43 8.49
N SER B 264 -35.41 6.39 7.47
CA SER B 264 -35.34 5.39 6.41
C SER B 264 -33.94 5.38 5.74
N ALA B 265 -33.24 6.50 5.86
CA ALA B 265 -31.94 6.66 5.24
C ALA B 265 -30.92 5.67 5.78
N GLU B 266 -31.06 5.28 7.05
CA GLU B 266 -30.10 4.33 7.60
C GLU B 266 -30.27 3.00 6.95
N PHE B 267 -31.52 2.62 6.65
CA PHE B 267 -31.74 1.28 6.07
C PHE B 267 -31.33 1.27 4.61
N LEU B 268 -31.56 2.38 3.91
CA LEU B 268 -31.14 2.45 2.53
C LEU B 268 -29.60 2.48 2.45
N THR B 269 -28.98 3.04 3.48
CA THR B 269 -27.53 3.20 3.52
C THR B 269 -26.87 1.83 3.82
N PHE B 270 -27.44 1.05 4.74
CA PHE B 270 -26.92 -0.30 4.95
C PHE B 270 -27.15 -1.17 3.72
N GLY B 271 -28.38 -1.13 3.20
CA GLY B 271 -28.70 -1.81 1.96
C GLY B 271 -29.04 -3.28 2.16
N GLY B 272 -28.84 -4.07 1.12
CA GLY B 272 -29.16 -5.48 1.17
C GLY B 272 -30.61 -5.67 1.57
N ARG B 273 -30.83 -6.54 2.54
CA ARG B 273 -32.16 -6.88 3.07
C ARG B 273 -32.81 -5.74 3.85
N ASP B 274 -32.00 -4.86 4.43
CA ASP B 274 -32.55 -3.69 5.14
C ASP B 274 -33.38 -2.77 4.24
N ARG B 275 -33.14 -2.83 2.92
CA ARG B 275 -33.92 -2.02 1.98
C ARG B 275 -35.42 -2.30 2.10
N ASN B 276 -35.76 -3.55 2.37
CA ASN B 276 -37.15 -3.96 2.43
C ASN B 276 -37.85 -3.53 3.70
N ILE B 277 -37.08 -3.09 4.69
CA ILE B 277 -37.67 -2.54 5.90
C ILE B 277 -38.38 -1.23 5.58
N VAL B 278 -37.82 -0.48 4.63
CA VAL B 278 -38.47 0.75 4.16
C VAL B 278 -39.67 0.39 3.29
N PRO B 279 -40.89 0.76 3.74
CA PRO B 279 -42.15 0.53 3.05
C PRO B 279 -42.11 1.08 1.64
N GLN B 280 -42.78 0.42 0.72
CA GLN B 280 -42.91 0.87 -0.67
C GLN B 280 -43.42 2.32 -0.79
N SER B 281 -44.37 2.71 0.08
CA SER B 281 -44.95 4.03 0.01
C SER B 281 -43.91 5.11 0.25
N ILE B 282 -43.03 4.85 1.20
CA ILE B 282 -41.93 5.79 1.49
C ILE B 282 -40.88 5.78 0.38
N GLN B 283 -40.53 4.60 -0.13
CA GLN B 283 -39.57 4.53 -1.24
C GLN B 283 -40.05 5.31 -2.48
N SER B 284 -41.37 5.30 -2.72
CA SER B 284 -41.93 6.07 -3.82
C SER B 284 -41.97 7.58 -3.50
N GLN B 285 -42.26 7.92 -2.24
CA GLN B 285 -42.23 9.34 -1.83
C GLN B 285 -40.84 9.92 -2.04
N LEU B 286 -39.83 9.21 -1.54
CA LEU B 286 -38.44 9.68 -1.66
C LEU B 286 -38.04 9.82 -3.12
N TYR B 287 -38.37 8.82 -3.90
CA TYR B 287 -38.11 8.85 -5.33
C TYR B 287 -38.75 10.08 -6.02
N ASN B 288 -40.02 10.34 -5.73
CA ASN B 288 -40.73 11.44 -6.40
C ASN B 288 -40.29 12.82 -5.92
N LYS B 289 -39.88 12.90 -4.65
CA LYS B 289 -39.33 14.13 -4.12
C LYS B 289 -38.04 14.49 -4.85
N VAL B 290 -37.16 13.51 -5.04
CA VAL B 290 -35.89 13.78 -5.69
C VAL B 290 -36.13 14.19 -7.14
N LEU B 291 -37.07 13.51 -7.80
CA LEU B 291 -37.42 13.83 -9.17
C LEU B 291 -37.95 15.26 -9.32
N SER B 292 -38.79 15.68 -8.39
CA SER B 292 -39.32 17.05 -8.42
C SER B 292 -38.20 18.07 -8.22
N ASP B 293 -37.28 17.75 -7.33
CA ASP B 293 -36.14 18.64 -7.08
C ASP B 293 -35.20 18.76 -8.27
N TYR B 294 -34.92 17.64 -8.94
CA TYR B 294 -34.07 17.70 -10.12
C TYR B 294 -34.76 18.42 -11.29
N LYS B 295 -36.09 18.30 -11.39
CA LYS B 295 -36.83 19.03 -12.40
C LYS B 295 -36.69 20.53 -12.16
N ARG B 296 -36.76 20.91 -10.90
CA ARG B 296 -36.64 22.32 -10.53
C ARG B 296 -35.24 22.85 -10.88
N ILE B 297 -34.22 22.02 -10.66
CA ILE B 297 -32.83 22.42 -10.95
C ILE B 297 -32.59 22.54 -12.45
N ALA B 298 -33.20 21.67 -13.23
CA ALA B 298 -33.11 21.78 -14.68
C ALA B 298 -33.72 23.09 -15.19
N SER B 299 -34.88 23.44 -14.66
CA SER B 299 -35.54 24.68 -15.05
C SER B 299 -34.70 25.90 -14.74
N ARG B 300 -34.11 25.89 -13.55
CA ARG B 300 -33.29 26.99 -13.09
C ARG B 300 -31.99 27.05 -13.90
N LEU B 301 -31.44 25.90 -14.28
CA LEU B 301 -30.19 25.87 -15.04
C LEU B 301 -30.34 26.51 -16.43
N ASN B 302 -31.56 26.48 -16.98
CA ASN B 302 -31.85 27.12 -18.26
C ASN B 302 -31.80 28.65 -18.21
N LYS B 303 -31.85 29.21 -17.01
CA LYS B 303 -31.88 30.66 -16.81
C LYS B 303 -30.52 31.28 -16.47
N VAL B 304 -29.51 30.45 -16.17
CA VAL B 304 -28.23 30.97 -15.64
C VAL B 304 -27.46 31.74 -16.72
N ASN B 305 -27.14 33.00 -16.45
CA ASN B 305 -26.37 33.81 -17.39
C ASN B 305 -25.28 34.65 -16.75
N THR B 306 -25.09 34.50 -15.44
CA THR B 306 -24.04 35.23 -14.74
C THR B 306 -23.57 34.50 -13.49
N ALA B 307 -22.49 34.96 -12.88
CA ALA B 307 -21.97 34.29 -11.71
C ALA B 307 -21.43 35.29 -10.69
N THR B 308 -21.32 34.86 -9.44
CA THR B 308 -20.76 35.68 -8.37
C THR B 308 -19.25 35.57 -8.33
N ALA B 309 -18.66 34.88 -9.29
CA ALA B 309 -17.21 34.74 -9.32
C ALA B 309 -16.74 34.70 -10.75
N LEU B 310 -15.44 34.84 -10.94
CA LEU B 310 -14.85 34.70 -12.26
C LEU B 310 -14.74 33.22 -12.63
N ILE B 311 -15.84 32.61 -13.06
CA ILE B 311 -15.81 31.22 -13.48
C ILE B 311 -16.30 31.02 -14.91
N ASN B 312 -16.03 29.84 -15.44
CA ASN B 312 -16.52 29.50 -16.77
C ASN B 312 -17.94 28.96 -16.65
N ILE B 313 -18.93 29.79 -16.95
CA ILE B 313 -20.33 29.37 -16.82
C ILE B 313 -20.68 28.13 -17.67
N ASP B 314 -20.21 28.08 -18.91
CA ASP B 314 -20.55 26.96 -19.79
C ASP B 314 -19.93 25.66 -19.28
N GLU B 315 -18.72 25.75 -18.75
CA GLU B 315 -18.08 24.56 -18.18
C GLU B 315 -18.84 24.03 -16.96
N PHE B 316 -19.36 24.92 -16.12
CA PHE B 316 -20.15 24.47 -14.97
C PHE B 316 -21.51 23.91 -15.41
N LYS B 317 -22.13 24.49 -16.44
CA LYS B 317 -23.37 23.94 -16.99
C LYS B 317 -23.18 22.50 -17.54
N ASN B 318 -22.06 22.25 -18.23
CA ASN B 318 -21.76 20.88 -18.70
C ASN B 318 -21.63 19.92 -17.53
N LEU B 319 -21.03 20.43 -16.46
CA LEU B 319 -20.80 19.66 -15.26
C LEU B 319 -22.12 19.25 -14.59
N TYR B 320 -23.08 20.17 -14.51
CA TYR B 320 -24.37 19.86 -13.88
C TYR B 320 -25.26 19.02 -14.80
N GLU B 321 -25.05 19.13 -16.10
CA GLU B 321 -25.75 18.26 -17.04
C GLU B 321 -25.37 16.80 -16.75
N TRP B 322 -24.07 16.55 -16.59
CA TRP B 322 -23.58 15.21 -16.25
CA TRP B 322 -23.56 15.20 -16.35
C TRP B 322 -24.02 14.77 -14.88
N LYS B 323 -23.84 15.64 -13.88
CA LYS B 323 -24.14 15.29 -12.49
C LYS B 323 -25.58 14.82 -12.35
N TYR B 324 -26.52 15.60 -12.91
CA TYR B 324 -27.93 15.29 -12.72
C TYR B 324 -28.48 14.47 -13.87
N GLN B 325 -27.62 14.11 -14.82
CA GLN B 325 -28.00 13.30 -15.98
C GLN B 325 -29.20 13.88 -16.70
N PHE B 326 -29.18 15.21 -16.86
CA PHE B 326 -30.25 15.90 -17.58
C PHE B 326 -30.17 15.61 -19.06
N ALA B 327 -31.35 15.63 -19.72
CA ALA B 327 -31.43 15.72 -21.18
C ALA B 327 -31.19 17.18 -21.60
N LYS B 328 -30.56 17.33 -22.75
CA LYS B 328 -30.33 18.64 -23.38
C LYS B 328 -30.87 18.60 -24.80
N ASP B 329 -31.92 19.36 -25.08
CA ASP B 329 -32.55 19.25 -26.39
C ASP B 329 -31.82 20.05 -27.46
N SER B 330 -32.38 20.01 -28.66
CA SER B 330 -31.76 20.61 -29.84
C SER B 330 -31.66 22.14 -29.74
N ASN B 331 -32.42 22.73 -28.81
CA ASN B 331 -32.32 24.17 -28.53
C ASN B 331 -31.47 24.52 -27.30
N GLY B 332 -30.83 23.52 -26.72
CA GLY B 332 -29.97 23.74 -25.56
C GLY B 332 -30.75 23.80 -24.25
N VAL B 333 -32.02 23.40 -24.28
CA VAL B 333 -32.84 23.44 -23.09
C VAL B 333 -32.72 22.14 -22.28
N TYR B 334 -32.45 22.29 -20.98
CA TYR B 334 -32.30 21.15 -20.09
C TYR B 334 -33.64 20.72 -19.54
N SER B 335 -33.80 19.40 -19.39
CA SER B 335 -34.97 18.84 -18.73
C SER B 335 -34.59 17.48 -18.17
N VAL B 336 -35.49 16.91 -17.35
CA VAL B 336 -35.28 15.57 -16.83
C VAL B 336 -35.83 14.51 -17.76
N ASP B 337 -34.94 13.61 -18.18
CA ASP B 337 -35.31 12.41 -18.89
C ASP B 337 -35.57 11.30 -17.87
N LEU B 338 -36.78 10.75 -17.86
CA LEU B 338 -37.21 9.84 -16.79
C LEU B 338 -36.38 8.56 -16.70
N ASN B 339 -35.87 8.08 -17.83
CA ASN B 339 -35.06 6.85 -17.85
C ASN B 339 -33.66 7.08 -17.29
N LYS B 340 -33.06 8.20 -17.67
CA LYS B 340 -31.76 8.57 -17.12
C LYS B 340 -31.87 8.87 -15.64
N PHE B 341 -33.00 9.46 -15.24
CA PHE B 341 -33.25 9.70 -13.82
C PHE B 341 -33.36 8.37 -13.06
N GLU B 342 -34.09 7.42 -13.63
CA GLU B 342 -34.23 6.14 -12.94
C GLU B 342 -32.86 5.49 -12.73
N GLN B 343 -32.00 5.58 -13.73
CA GLN B 343 -30.65 5.00 -13.66
C GLN B 343 -29.76 5.75 -12.66
N LEU B 344 -29.90 7.06 -12.60
CA LEU B 344 -29.14 7.86 -11.65
C LEU B 344 -29.57 7.58 -10.21
N TYR B 345 -30.88 7.49 -9.98
CA TYR B 345 -31.38 7.22 -8.65
C TYR B 345 -30.85 5.87 -8.19
N LYS B 346 -30.80 4.93 -9.12
CA LYS B 346 -30.28 3.59 -8.82
C LYS B 346 -28.77 3.62 -8.51
N LYS B 347 -28.03 4.40 -9.28
CA LYS B 347 -26.60 4.55 -9.08
C LYS B 347 -26.32 5.15 -7.68
N ILE B 348 -27.00 6.24 -7.34
CA ILE B 348 -26.85 6.84 -6.01
C ILE B 348 -27.10 5.84 -4.88
N TYR B 349 -28.16 5.02 -5.01
CA TYR B 349 -28.51 4.13 -3.92
C TYR B 349 -27.91 2.75 -4.10
N SER B 350 -27.03 2.61 -5.09
CA SER B 350 -26.25 1.37 -5.25
C SER B 350 -25.07 1.30 -4.27
N PHE B 351 -24.65 2.45 -3.74
CA PHE B 351 -23.56 2.44 -2.76
C PHE B 351 -24.06 2.09 -1.37
N THR B 352 -23.79 0.87 -0.90
CA THR B 352 -24.28 0.47 0.41
C THR B 352 -23.24 -0.24 1.21
N GLU B 353 -23.41 -0.24 2.53
CA GLU B 353 -22.50 -0.96 3.40
C GLU B 353 -22.49 -2.44 3.04
N PHE B 354 -23.66 -3.02 2.82
CA PHE B 354 -23.76 -4.42 2.50
C PHE B 354 -23.01 -4.79 1.23
N ASN B 355 -23.22 -4.01 0.17
CA ASN B 355 -22.53 -4.34 -1.07
C ASN B 355 -21.02 -4.07 -0.97
N LEU B 356 -20.65 -2.98 -0.32
CA LEU B 356 -19.21 -2.65 -0.20
C LEU B 356 -18.47 -3.68 0.67
N ALA B 357 -19.10 -4.17 1.72
CA ALA B 357 -18.48 -5.20 2.55
C ALA B 357 -18.23 -6.46 1.73
N TYR B 358 -19.18 -6.82 0.88
CA TYR B 358 -19.06 -8.00 0.03
C TYR B 358 -17.91 -7.81 -0.98
N GLU B 359 -17.87 -6.64 -1.61
CA GLU B 359 -16.83 -6.32 -2.59
C GLU B 359 -15.43 -6.30 -1.99
N PHE B 360 -15.32 -5.86 -0.73
CA PHE B 360 -14.04 -5.76 -0.05
C PHE B 360 -13.70 -7.03 0.76
N LYS B 361 -14.58 -8.03 0.74
CA LYS B 361 -14.36 -9.23 1.55
C LYS B 361 -14.10 -8.84 3.01
N ILE B 362 -14.92 -7.92 3.47
CA ILE B 362 -15.01 -7.53 4.86
C ILE B 362 -16.29 -8.10 5.51
N LYS B 363 -16.20 -8.75 6.67
CA LYS B 363 -17.42 -9.16 7.36
C LYS B 363 -18.05 -7.94 8.04
N THR B 364 -19.38 -7.85 7.97
CA THR B 364 -20.12 -6.79 8.68
C THR B 364 -21.36 -7.36 9.37
N ARG B 365 -22.02 -6.50 10.14
CA ARG B 365 -23.20 -6.83 10.93
C ARG B 365 -24.38 -7.32 10.09
N LEU B 366 -25.33 -7.99 10.72
CA LEU B 366 -26.48 -8.56 10.02
C LEU B 366 -27.43 -7.51 9.44
N GLY B 367 -27.40 -6.30 10.02
CA GLY B 367 -28.24 -5.19 9.56
C GLY B 367 -28.03 -3.96 10.44
N TYR B 368 -28.62 -2.83 10.06
CA TYR B 368 -28.39 -1.61 10.85
C TYR B 368 -28.78 -1.74 12.34
N LEU B 369 -29.83 -2.51 12.61
CA LEU B 369 -30.32 -2.62 13.97
C LEU B 369 -29.59 -3.67 14.81
N ALA B 370 -28.53 -4.26 14.28
CA ALA B 370 -27.75 -5.24 15.05
C ALA B 370 -27.08 -4.59 16.25
N GLU B 371 -26.87 -5.39 17.30
CA GLU B 371 -26.26 -4.90 18.52
C GLU B 371 -24.77 -4.54 18.35
N ASN B 372 -24.37 -3.42 18.94
CA ASN B 372 -22.96 -3.02 19.01
C ASN B 372 -22.36 -3.53 20.31
N PHE B 373 -21.12 -4.05 20.22
CA PHE B 373 -20.42 -4.56 21.40
C PHE B 373 -19.12 -3.81 21.60
N GLY B 374 -18.72 -3.62 22.86
CA GLY B 374 -17.46 -2.97 23.16
C GLY B 374 -17.61 -1.81 24.12
N PRO B 375 -16.99 -0.66 23.80
CA PRO B 375 -16.23 -0.43 22.56
C PRO B 375 -14.75 -0.82 22.67
N PHE B 376 -14.03 -0.77 21.55
CA PHE B 376 -12.63 -1.15 21.54
C PHE B 376 -11.72 -0.06 21.00
N TYR B 377 -10.52 0.03 21.56
CA TYR B 377 -9.45 0.84 20.98
C TYR B 377 -8.61 -0.04 20.03
N LEU B 378 -8.30 0.48 18.84
CA LEU B 378 -7.47 -0.25 17.87
C LEU B 378 -6.08 0.38 17.71
N PRO B 379 -5.11 -0.04 18.54
CA PRO B 379 -3.84 0.69 18.64
C PRO B 379 -2.89 0.60 17.46
N ASN B 380 -3.04 -0.38 16.58
CA ASN B 380 -2.02 -0.60 15.58
C ASN B 380 -2.51 -0.68 14.12
N LEU B 381 -3.41 0.22 13.72
CA LEU B 381 -3.89 0.24 12.35
C LEU B 381 -2.75 0.55 11.40
N LEU B 382 -1.75 1.33 11.85
CA LEU B 382 -0.63 1.69 10.97
C LEU B 382 0.40 0.54 10.78
N ASP B 383 0.28 -0.53 11.57
CA ASP B 383 1.20 -1.68 11.49
C ASP B 383 0.76 -2.69 10.42
N ASP B 384 1.53 -2.83 9.36
CA ASP B 384 1.11 -3.66 8.22
C ASP B 384 1.09 -5.16 8.56
N SER B 385 1.61 -5.56 9.73
CA SER B 385 1.53 -6.98 10.14
C SER B 385 0.17 -7.21 10.82
N ILE B 386 -0.56 -6.12 11.05
CA ILE B 386 -1.88 -6.20 11.68
C ILE B 386 -3.02 -5.83 10.72
N TYR B 387 -2.83 -4.74 9.99
CA TYR B 387 -3.88 -4.15 9.15
C TYR B 387 -3.23 -3.54 7.90
N THR B 388 -3.64 -3.98 6.71
CA THR B 388 -3.04 -3.50 5.46
C THR B 388 -4.05 -2.73 4.64
N GLU B 389 -3.52 -1.88 3.76
CA GLU B 389 -4.35 -1.18 2.76
C GLU B 389 -5.16 -2.22 1.94
N VAL B 390 -4.49 -3.27 1.50
CA VAL B 390 -5.07 -4.22 0.55
C VAL B 390 -6.08 -5.19 1.18
N ASP B 391 -5.83 -5.60 2.42
CA ASP B 391 -6.64 -6.68 3.03
C ASP B 391 -7.30 -6.36 4.36
N GLY B 392 -7.01 -5.20 4.94
CA GLY B 392 -7.51 -4.91 6.25
C GLY B 392 -6.93 -5.86 7.30
N PHE B 393 -7.78 -6.39 8.21
CA PHE B 393 -7.31 -7.33 9.22
C PHE B 393 -7.11 -8.73 8.63
N ASN B 394 -7.77 -8.99 7.51
CA ASN B 394 -7.84 -10.38 7.00
C ASN B 394 -6.66 -10.72 6.05
N ILE B 395 -5.45 -10.69 6.62
CA ILE B 395 -4.22 -10.95 5.90
C ILE B 395 -3.96 -12.45 5.75
N GLY B 396 -3.67 -12.89 4.54
CA GLY B 396 -3.32 -14.28 4.28
C GLY B 396 -4.48 -15.18 4.65
N ALA B 397 -4.20 -16.30 5.33
CA ALA B 397 -5.27 -17.27 5.62
C ALA B 397 -6.29 -16.75 6.67
N LEU B 398 -6.04 -15.57 7.26
CA LEU B 398 -6.99 -14.99 8.19
C LEU B 398 -8.26 -14.57 7.45
N SER B 399 -8.21 -14.56 6.12
CA SER B 399 -9.38 -14.25 5.32
C SER B 399 -10.41 -15.38 5.41
N ILE B 400 -9.97 -16.59 5.74
CA ILE B 400 -10.90 -17.73 5.84
C ILE B 400 -11.80 -17.60 7.04
N ASN B 401 -13.11 -17.57 6.79
CA ASN B 401 -14.12 -17.27 7.79
C ASN B 401 -13.87 -15.92 8.52
N TYR B 402 -13.17 -15.00 7.86
CA TYR B 402 -12.88 -13.69 8.42
C TYR B 402 -12.23 -13.80 9.79
N GLN B 403 -11.35 -14.78 9.95
CA GLN B 403 -10.67 -14.98 11.23
C GLN B 403 -9.89 -13.74 11.66
N GLY B 404 -9.41 -12.97 10.69
CA GLY B 404 -8.68 -11.76 11.02
C GLY B 404 -9.50 -10.76 11.81
N GLN B 405 -10.82 -10.77 11.68
CA GLN B 405 -11.68 -9.87 12.47
C GLN B 405 -12.19 -10.51 13.76
N ASN B 406 -11.97 -11.82 13.91
CA ASN B 406 -12.49 -12.53 15.08
C ASN B 406 -11.73 -12.21 16.36
N ILE B 407 -12.38 -11.61 17.35
CA ILE B 407 -11.65 -11.16 18.53
C ILE B 407 -11.97 -11.93 19.80
N GLY B 408 -12.86 -12.91 19.70
CA GLY B 408 -13.22 -13.72 20.87
C GLY B 408 -14.67 -14.18 20.84
N SER B 409 -15.07 -14.97 21.83
CA SER B 409 -16.41 -15.53 21.85
C SER B 409 -17.45 -14.47 22.26
N ASP B 410 -17.20 -13.80 23.37
CA ASP B 410 -18.06 -12.70 23.80
C ASP B 410 -17.30 -11.75 24.72
N ILE B 411 -17.99 -10.70 25.17
CA ILE B 411 -17.34 -9.63 25.92
C ILE B 411 -16.70 -10.06 27.23
N ASN B 412 -17.46 -10.73 28.08
CA ASN B 412 -16.94 -11.22 29.35
C ASN B 412 -15.67 -12.06 29.21
N SER B 413 -15.65 -12.97 28.24
CA SER B 413 -14.46 -13.80 28.00
C SER B 413 -13.25 -12.93 27.67
N ILE B 414 -13.47 -11.89 26.85
CA ILE B 414 -12.42 -10.94 26.51
C ILE B 414 -11.89 -10.21 27.75
N LYS B 415 -12.81 -9.74 28.61
CA LYS B 415 -12.43 -9.00 29.82
C LYS B 415 -11.53 -9.82 30.75
N LYS B 416 -11.83 -11.11 30.91
CA LYS B 416 -10.99 -11.97 31.75
C LYS B 416 -9.57 -12.02 31.22
N LEU B 417 -9.44 -12.23 29.92
CA LEU B 417 -8.11 -12.35 29.33
C LEU B 417 -7.29 -11.08 29.52
N GLN B 418 -7.92 -9.92 29.33
CA GLN B 418 -7.20 -8.66 29.48
C GLN B 418 -6.78 -8.47 30.94
N GLY B 419 -7.65 -8.91 31.85
CA GLY B 419 -7.34 -8.91 33.28
C GLY B 419 -6.17 -9.81 33.62
N GLN B 420 -6.14 -11.00 33.01
CA GLN B 420 -5.05 -11.96 33.22
C GLN B 420 -3.74 -11.53 32.56
N GLY B 421 -3.79 -10.46 31.77
CA GLY B 421 -2.60 -9.91 31.17
C GLY B 421 -2.37 -10.32 29.73
N VAL B 422 -3.34 -11.03 29.15
CA VAL B 422 -3.28 -11.39 27.74
C VAL B 422 -3.58 -10.19 26.84
N VAL B 423 -2.56 -9.69 26.16
CA VAL B 423 -2.77 -8.53 25.30
C VAL B 423 -3.06 -8.97 23.87
N SER B 424 -3.98 -8.25 23.24
CA SER B 424 -4.16 -8.35 21.80
C SER B 424 -3.52 -7.12 21.14
N ARG B 425 -2.94 -7.30 19.96
CA ARG B 425 -2.40 -6.16 19.21
C ARG B 425 -3.41 -5.66 18.18
N VAL B 426 -4.58 -6.30 18.17
CA VAL B 426 -5.67 -5.92 17.29
C VAL B 426 -6.66 -4.98 18.00
N VAL B 427 -7.15 -5.40 19.16
CA VAL B 427 -8.08 -4.60 19.94
C VAL B 427 -7.73 -4.55 21.42
N ARG B 428 -8.11 -3.45 22.05
CA ARG B 428 -8.12 -3.35 23.50
C ARG B 428 -9.53 -2.96 23.93
N LEU B 429 -10.13 -3.76 24.80
CA LEU B 429 -11.45 -3.46 25.35
C LEU B 429 -11.34 -2.22 26.22
N CYS B 430 -12.20 -1.24 25.97
CA CYS B 430 -12.19 0.03 26.70
C CYS B 430 -12.83 -0.04 28.07
N SER B 431 -12.36 0.79 28.98
CA SER B 431 -12.90 0.87 30.34
C SER B 431 -14.41 1.13 30.35
CA CA C . 1.08 -0.04 4.45
C ACT D . 26.07 -7.44 -2.98
O ACT D . 25.45 -8.53 -3.03
OXT ACT D . 26.61 -6.98 -4.02
CH3 ACT D . 26.17 -6.69 -1.68
ZN ZN E . 26.09 -6.01 -5.72
C ACT F . 26.59 -10.40 -11.30
O ACT F . 26.96 -10.81 -12.42
OXT ACT F . 25.63 -9.61 -11.21
CH3 ACT F . 27.32 -10.83 -10.06
C ACT G . -24.12 6.97 11.19
O ACT G . -25.12 6.51 10.60
OXT ACT G . -23.55 8.00 10.76
CH3 ACT G . -23.61 6.29 12.44
ZN ZN H . -25.79 5.74 8.97
C ACT I . -28.89 10.23 4.33
O ACT I . -28.06 9.43 3.84
OXT ACT I . -29.80 10.69 3.62
CH3 ACT I . -28.80 10.61 5.78
#